data_6D3H
#
_entry.id   6D3H
#
_cell.length_a   138.161
_cell.length_b   138.161
_cell.length_c   148.518
_cell.angle_alpha   90.000
_cell.angle_beta   90.000
_cell.angle_gamma   120.000
#
_symmetry.space_group_name_H-M   'P 64'
#
loop_
_entity.id
_entity.type
_entity.pdbx_description
1 polymer 'FT_T dioxygenase'
2 non-polymer '(2R)-2-(2,4-dichlorophenoxy)propanoic acid'
3 non-polymer 'COBALT (II) ION'
4 non-polymer '2-OXOGLUTARIC ACID'
5 non-polymer 'CHLORIDE ION'
6 water water
#
_entity_poly.entity_id   1
_entity_poly.type   'polypeptide(L)'
_entity_poly.pdbx_seq_one_letter_code
;MHAALTPLTNKYRFIDVQPLTGVLGAEITGVDLREPLDDSTWNEILDAFHTYQVIYFPGQAITNEQHIAFSRRFGPVDPV
PILKSIEGYPEVQMIRREANESSRFIGDDWHTDSTFLDAPPAAVVMRAIEVPEYGGDTGFLSMYSAWETLSPTMQATIEG
LNVVHSATKVFGSLYQATNWRFSNTSVKVMDVDAGDRETVHPLVVTHPVTGRRALYCNQVYCQKIQGMTDAESKSLLQFL
YEHATKFDFTCRVRWKKDQVLVWDNLCTMHRAVPDYAGKFRYLTRTTVAGDKPSR
;
_entity_poly.pdbx_strand_id   A,B,I,M
#
loop_
_chem_comp.id
_chem_comp.type
_chem_comp.name
_chem_comp.formula
AKG non-polymer '2-OXOGLUTARIC ACID' 'C5 H6 O5'
CL non-polymer 'CHLORIDE ION' 'Cl -1'
CO non-polymer 'COBALT (II) ION' 'Co 2'
FTV non-polymer '(2R)-2-(2,4-dichlorophenoxy)propanoic acid' 'C9 H8 Cl2 O3'
#
# COMPACT_ATOMS: atom_id res chain seq x y z
N ASN A 10 -30.26 -24.16 -17.09
CA ASN A 10 -30.52 -24.66 -18.52
C ASN A 10 -31.93 -25.30 -18.55
N LYS A 11 -32.00 -26.53 -18.05
CA LYS A 11 -33.22 -27.05 -17.53
C LYS A 11 -33.73 -26.28 -16.27
N TYR A 12 -32.96 -25.41 -15.62
CA TYR A 12 -33.38 -24.87 -14.31
C TYR A 12 -34.41 -23.77 -14.48
N ARG A 13 -35.55 -23.88 -13.80
CA ARG A 13 -36.57 -22.83 -13.91
C ARG A 13 -36.76 -21.94 -12.67
N PHE A 14 -36.23 -22.35 -11.52
CA PHE A 14 -36.39 -21.58 -10.25
C PHE A 14 -35.12 -20.83 -9.85
N ILE A 15 -33.98 -21.19 -10.47
CA ILE A 15 -32.67 -20.57 -10.15
C ILE A 15 -31.94 -20.40 -11.46
N ASP A 16 -30.94 -19.50 -11.50
CA ASP A 16 -30.14 -19.35 -12.68
C ASP A 16 -28.78 -19.97 -12.37
N VAL A 17 -28.41 -20.92 -13.20
CA VAL A 17 -27.12 -21.60 -12.99
C VAL A 17 -26.15 -21.43 -14.13
N GLN A 18 -24.93 -21.07 -13.76
CA GLN A 18 -23.88 -20.75 -14.76
C GLN A 18 -22.68 -21.62 -14.45
N PRO A 19 -22.53 -22.75 -15.17
CA PRO A 19 -21.39 -23.62 -14.82
C PRO A 19 -20.03 -22.90 -14.99
N LEU A 20 -19.07 -23.26 -14.18
CA LEU A 20 -17.79 -22.51 -14.09
C LEU A 20 -16.73 -23.06 -15.07
N THR A 21 -16.61 -24.39 -15.19
CA THR A 21 -15.74 -25.08 -16.18
C THR A 21 -16.54 -26.29 -16.73
N GLY A 22 -15.97 -27.10 -17.62
CA GLY A 22 -16.70 -28.30 -18.14
C GLY A 22 -16.52 -29.47 -17.14
N VAL A 23 -15.79 -29.27 -16.04
CA VAL A 23 -15.50 -30.38 -15.13
C VAL A 23 -16.33 -30.24 -13.82
N LEU A 24 -16.31 -29.06 -13.19
CA LEU A 24 -17.07 -28.86 -11.97
C LEU A 24 -17.25 -27.34 -11.68
N GLY A 25 -18.15 -27.03 -10.76
CA GLY A 25 -18.34 -25.64 -10.34
C GLY A 25 -19.52 -25.03 -11.03
N ALA A 26 -20.33 -24.26 -10.28
CA ALA A 26 -21.39 -23.45 -10.91
C ALA A 26 -21.76 -22.26 -10.02
N GLU A 27 -21.98 -21.11 -10.66
CA GLU A 27 -22.51 -19.98 -9.94
C GLU A 27 -24.03 -20.07 -9.94
N ILE A 28 -24.65 -19.75 -8.81
CA ILE A 28 -26.12 -19.75 -8.78
C ILE A 28 -26.63 -18.37 -8.42
N THR A 29 -27.53 -17.85 -9.24
CA THR A 29 -28.19 -16.56 -8.89
C THR A 29 -29.70 -16.69 -9.05
N GLY A 30 -30.40 -15.58 -8.81
CA GLY A 30 -31.88 -15.53 -9.01
C GLY A 30 -32.54 -16.09 -7.73
N VAL A 31 -31.83 -16.12 -6.59
CA VAL A 31 -32.44 -16.61 -5.36
C VAL A 31 -31.93 -15.78 -4.20
N ASP A 32 -32.78 -15.58 -3.21
CA ASP A 32 -32.41 -14.84 -2.03
C ASP A 32 -32.36 -15.81 -0.85
N LEU A 33 -31.17 -16.11 -0.37
CA LEU A 33 -31.01 -17.10 0.70
C LEU A 33 -31.41 -16.52 2.02
N ARG A 34 -31.67 -15.19 2.08
CA ARG A 34 -32.26 -14.67 3.34
C ARG A 34 -33.70 -15.10 3.56
N GLU A 35 -34.34 -15.65 2.52
CA GLU A 35 -35.77 -16.04 2.55
C GLU A 35 -35.93 -17.58 2.54
N PRO A 36 -37.05 -18.10 3.05
CA PRO A 36 -37.19 -19.55 2.90
C PRO A 36 -37.30 -20.00 1.44
N LEU A 37 -36.88 -21.20 1.16
CA LEU A 37 -36.98 -21.67 -0.25
C LEU A 37 -38.20 -22.58 -0.39
N ASP A 38 -39.06 -22.30 -1.38
CA ASP A 38 -40.06 -23.29 -1.76
C ASP A 38 -39.42 -24.62 -2.22
N ASP A 39 -40.22 -25.71 -2.25
CA ASP A 39 -39.73 -26.99 -2.55
C ASP A 39 -39.05 -27.05 -3.90
N SER A 40 -39.66 -26.43 -4.89
CA SER A 40 -39.12 -26.49 -6.24
C SER A 40 -37.75 -25.82 -6.30
N THR A 41 -37.61 -24.66 -5.64
CA THR A 41 -36.35 -23.93 -5.63
C THR A 41 -35.28 -24.75 -4.88
N TRP A 42 -35.64 -25.37 -3.76
CA TRP A 42 -34.67 -26.17 -3.03
C TRP A 42 -34.26 -27.41 -3.88
N ASN A 43 -35.22 -28.04 -4.56
CA ASN A 43 -34.91 -29.18 -5.40
C ASN A 43 -33.88 -28.84 -6.49
N GLU A 44 -34.01 -27.67 -7.09
CA GLU A 44 -33.04 -27.24 -8.13
C GLU A 44 -31.68 -26.96 -7.54
N ILE A 45 -31.64 -26.31 -6.38
CA ILE A 45 -30.39 -26.08 -5.69
C ILE A 45 -29.69 -27.40 -5.37
N LEU A 46 -30.42 -28.34 -4.79
CA LEU A 46 -29.81 -29.65 -4.51
C LEU A 46 -29.39 -30.39 -5.72
N ASP A 47 -30.20 -30.34 -6.79
CA ASP A 47 -29.82 -30.94 -8.06
C ASP A 47 -28.48 -30.29 -8.62
N ALA A 48 -28.38 -28.94 -8.56
CA ALA A 48 -27.19 -28.24 -9.04
C ALA A 48 -25.97 -28.66 -8.15
N PHE A 49 -26.20 -28.79 -6.85
CA PHE A 49 -25.15 -29.24 -5.91
C PHE A 49 -24.61 -30.66 -6.30
N HIS A 50 -25.52 -31.57 -6.58
CA HIS A 50 -25.12 -32.90 -6.97
C HIS A 50 -24.51 -32.98 -8.39
N THR A 51 -24.91 -32.09 -9.29
CA THR A 51 -24.40 -32.09 -10.65
C THR A 51 -23.00 -31.45 -10.71
N TYR A 52 -22.86 -30.31 -10.06
CA TYR A 52 -21.71 -29.46 -10.23
C TYR A 52 -20.71 -29.53 -9.10
N GLN A 53 -21.11 -30.11 -7.94
CA GLN A 53 -20.23 -30.55 -6.85
C GLN A 53 -19.78 -29.39 -5.96
N VAL A 54 -19.59 -28.24 -6.58
CA VAL A 54 -19.28 -27.00 -5.84
C VAL A 54 -20.14 -25.91 -6.39
N ILE A 55 -20.97 -25.31 -5.54
CA ILE A 55 -21.85 -24.26 -6.07
C ILE A 55 -21.65 -23.00 -5.22
N TYR A 56 -21.83 -21.83 -5.83
CA TYR A 56 -21.62 -20.63 -5.02
C TYR A 56 -22.66 -19.55 -5.41
N PHE A 57 -23.05 -18.75 -4.41
CA PHE A 57 -24.10 -17.74 -4.58
C PHE A 57 -23.49 -16.39 -4.21
N PRO A 58 -23.17 -15.58 -5.23
CA PRO A 58 -22.69 -14.21 -4.92
C PRO A 58 -23.77 -13.37 -4.26
N GLY A 59 -23.37 -12.43 -3.39
CA GLY A 59 -24.28 -11.31 -2.99
C GLY A 59 -25.36 -11.81 -2.02
N GLN A 60 -25.00 -12.67 -1.05
CA GLN A 60 -26.02 -13.19 -0.10
C GLN A 60 -25.68 -12.68 1.30
N ALA A 61 -26.26 -11.52 1.68
CA ALA A 61 -25.97 -10.90 3.00
C ALA A 61 -26.83 -11.55 4.10
N ILE A 62 -26.45 -12.75 4.47
CA ILE A 62 -27.26 -13.57 5.43
C ILE A 62 -26.72 -13.44 6.87
N THR A 63 -27.57 -13.74 7.87
CA THR A 63 -27.17 -13.64 9.22
C THR A 63 -26.49 -14.96 9.47
N ASN A 64 -25.74 -15.07 10.56
CA ASN A 64 -25.24 -16.36 10.99
C ASN A 64 -26.31 -17.42 11.14
N GLU A 65 -27.45 -17.05 11.70
CA GLU A 65 -28.50 -18.10 11.82
C GLU A 65 -29.08 -18.54 10.52
N GLN A 66 -29.23 -17.64 9.56
CA GLN A 66 -29.67 -18.09 8.24
C GLN A 66 -28.61 -19.06 7.61
N HIS A 67 -27.32 -18.77 7.87
CA HIS A 67 -26.23 -19.64 7.39
C HIS A 67 -26.40 -21.02 7.97
N ILE A 68 -26.58 -21.09 9.29
CA ILE A 68 -26.90 -22.38 9.98
C ILE A 68 -28.11 -23.11 9.35
N ALA A 69 -29.22 -22.40 9.17
CA ALA A 69 -30.41 -23.05 8.65
C ALA A 69 -30.23 -23.51 7.20
N PHE A 70 -29.66 -22.67 6.32
CA PHE A 70 -29.42 -23.09 4.98
C PHE A 70 -28.53 -24.36 4.94
N SER A 71 -27.47 -24.38 5.74
CA SER A 71 -26.54 -25.53 5.89
C SER A 71 -27.30 -26.79 6.29
N ARG A 72 -28.13 -26.63 7.33
CA ARG A 72 -29.09 -27.69 7.77
C ARG A 72 -29.95 -28.32 6.67
N ARG A 73 -30.28 -27.57 5.62
CA ARG A 73 -31.04 -28.21 4.52
C ARG A 73 -30.28 -29.34 3.83
N PHE A 74 -28.93 -29.29 3.88
CA PHE A 74 -28.08 -30.30 3.21
C PHE A 74 -27.95 -31.53 4.09
N GLY A 75 -28.13 -31.36 5.39
CA GLY A 75 -28.06 -32.49 6.34
C GLY A 75 -27.62 -31.99 7.72
N PRO A 76 -27.47 -32.89 8.69
CA PRO A 76 -27.17 -32.49 10.08
C PRO A 76 -25.91 -31.61 10.14
N VAL A 77 -25.86 -30.58 11.00
CA VAL A 77 -24.60 -29.73 11.06
C VAL A 77 -23.76 -30.12 12.26
N ASP A 78 -22.44 -30.13 12.09
CA ASP A 78 -21.52 -30.62 13.10
C ASP A 78 -20.12 -30.04 12.82
N PRO A 79 -19.57 -29.28 13.75
CA PRO A 79 -18.28 -28.62 13.44
C PRO A 79 -17.10 -29.56 13.22
N VAL A 80 -16.04 -29.16 12.52
CA VAL A 80 -14.85 -30.05 12.44
C VAL A 80 -14.02 -29.86 13.75
N PRO A 81 -13.21 -30.85 14.13
CA PRO A 81 -12.46 -30.74 15.41
C PRO A 81 -11.49 -29.54 15.46
N ILE A 82 -10.84 -29.16 14.37
CA ILE A 82 -9.68 -28.25 14.57
C ILE A 82 -9.99 -26.72 14.69
N LEU A 83 -11.16 -26.24 14.24
CA LEU A 83 -11.30 -24.79 14.02
C LEU A 83 -12.06 -24.15 15.19
N LYS A 84 -11.69 -22.91 15.54
CA LYS A 84 -12.42 -22.11 16.54
C LYS A 84 -13.74 -21.64 15.98
N SER A 85 -14.75 -21.40 16.83
CA SER A 85 -16.02 -20.91 16.32
C SER A 85 -16.26 -19.51 16.85
N ILE A 86 -17.17 -18.76 16.22
CA ILE A 86 -17.54 -17.40 16.62
C ILE A 86 -18.25 -17.45 17.97
N GLU A 87 -18.13 -16.40 18.78
CA GLU A 87 -18.81 -16.55 20.10
C GLU A 87 -20.31 -16.59 19.90
N GLY A 88 -20.94 -17.56 20.55
CA GLY A 88 -22.41 -17.70 20.49
C GLY A 88 -22.89 -18.57 19.38
N TYR A 89 -21.96 -19.10 18.55
CA TYR A 89 -22.35 -20.10 17.56
C TYR A 89 -21.34 -21.21 17.35
N PRO A 90 -21.40 -22.29 18.17
CA PRO A 90 -20.45 -23.39 18.01
C PRO A 90 -20.42 -23.95 16.63
N GLU A 91 -21.49 -23.80 15.85
CA GLU A 91 -21.56 -24.44 14.53
C GLU A 91 -20.90 -23.59 13.48
N VAL A 92 -20.59 -22.35 13.79
CA VAL A 92 -20.10 -21.41 12.76
C VAL A 92 -18.59 -21.22 13.07
N GLN A 93 -17.74 -21.90 12.28
CA GLN A 93 -16.31 -21.89 12.52
C GLN A 93 -15.63 -20.82 11.67
N MET A 94 -14.39 -20.49 11.98
CA MET A 94 -13.75 -19.40 11.27
C MET A 94 -12.54 -19.88 10.44
N ILE A 95 -12.34 -19.22 9.30
CA ILE A 95 -11.13 -19.36 8.53
C ILE A 95 -10.69 -17.90 8.41
N ARG A 96 -9.90 -17.51 9.41
CA ARG A 96 -9.60 -16.11 9.61
C ARG A 96 -8.06 -15.98 9.73
N ARG A 97 -7.52 -15.02 8.98
CA ARG A 97 -6.06 -14.80 8.98
C ARG A 97 -5.86 -13.28 9.12
N GLU A 98 -5.24 -12.86 10.21
CA GLU A 98 -4.94 -11.42 10.48
C GLU A 98 -3.88 -10.94 9.45
N ALA A 99 -3.86 -9.63 9.14
CA ALA A 99 -2.97 -9.10 8.12
C ALA A 99 -1.50 -9.38 8.47
N ASN A 100 -1.20 -9.38 9.76
CA ASN A 100 0.19 -9.51 10.14
C ASN A 100 0.66 -10.94 10.33
N GLU A 101 -0.11 -11.96 9.90
CA GLU A 101 0.36 -13.34 10.26
C GLU A 101 1.54 -13.76 9.40
N SER A 102 2.40 -14.60 9.98
CA SER A 102 3.55 -15.21 9.28
CA SER A 102 3.53 -15.21 9.24
C SER A 102 3.51 -16.74 9.40
N SER A 103 2.44 -17.26 9.98
CA SER A 103 2.33 -18.70 10.19
C SER A 103 1.90 -19.41 8.88
N ARG A 104 1.84 -20.75 8.93
CA ARG A 104 1.26 -21.59 7.86
C ARG A 104 -0.18 -21.16 7.50
N PHE A 105 -0.50 -21.09 6.21
CA PHE A 105 -1.86 -20.82 5.74
C PHE A 105 -2.68 -22.10 5.91
N ILE A 106 -3.89 -22.00 6.46
CA ILE A 106 -4.72 -23.18 6.71
C ILE A 106 -5.14 -23.78 5.37
N GLY A 107 -5.00 -25.09 5.22
CA GLY A 107 -5.56 -25.77 4.06
C GLY A 107 -4.79 -25.50 2.77
N ASP A 108 -3.49 -25.21 2.88
CA ASP A 108 -2.74 -24.81 1.66
C ASP A 108 -2.19 -26.00 0.81
N ASP A 109 -2.58 -27.23 1.08
CA ASP A 109 -2.30 -28.37 0.15
C ASP A 109 -3.67 -28.94 -0.29
N TRP A 110 -3.72 -29.64 -1.43
CA TRP A 110 -5.01 -30.29 -1.80
C TRP A 110 -5.44 -31.30 -0.74
N HIS A 111 -6.72 -31.20 -0.32
CA HIS A 111 -7.21 -32.15 0.65
C HIS A 111 -8.74 -32.12 0.56
N THR A 112 -9.33 -33.01 1.31
CA THR A 112 -10.74 -32.78 1.68
C THR A 112 -10.81 -32.88 3.18
N ASP A 113 -11.87 -32.33 3.78
CA ASP A 113 -11.77 -31.98 5.18
C ASP A 113 -11.91 -33.14 6.14
N SER A 114 -11.10 -33.14 7.19
CA SER A 114 -11.29 -34.07 8.35
C SER A 114 -11.52 -35.53 8.01
N THR A 115 -10.71 -36.08 7.07
CA THR A 115 -10.90 -37.47 6.67
C THR A 115 -10.32 -38.45 7.69
N PHE A 116 -9.59 -37.94 8.68
CA PHE A 116 -9.20 -38.80 9.82
C PHE A 116 -10.40 -39.25 10.70
N LEU A 117 -11.55 -38.62 10.53
CA LEU A 117 -12.77 -39.02 11.26
C LEU A 117 -13.32 -40.31 10.68
N ASP A 118 -14.00 -41.10 11.52
CA ASP A 118 -14.59 -42.36 11.03
C ASP A 118 -15.68 -41.98 10.02
N ALA A 119 -16.33 -40.88 10.32
CA ALA A 119 -17.32 -40.28 9.39
C ALA A 119 -17.00 -38.82 9.11
N PRO A 120 -16.18 -38.58 8.05
CA PRO A 120 -15.90 -37.18 7.72
C PRO A 120 -17.14 -36.38 7.26
N PRO A 121 -17.01 -35.06 7.13
CA PRO A 121 -18.16 -34.25 6.68
C PRO A 121 -18.61 -34.66 5.32
N ALA A 122 -19.91 -34.45 5.02
CA ALA A 122 -20.45 -34.61 3.71
C ALA A 122 -20.26 -33.35 2.91
N ALA A 123 -20.24 -32.17 3.54
CA ALA A 123 -20.28 -30.94 2.81
C ALA A 123 -19.89 -29.86 3.73
N VAL A 124 -19.51 -28.72 3.14
CA VAL A 124 -19.20 -27.55 3.98
C VAL A 124 -19.83 -26.33 3.32
N VAL A 125 -20.33 -25.40 4.14
CA VAL A 125 -20.91 -24.20 3.56
C VAL A 125 -20.15 -22.98 4.08
N MET A 126 -19.43 -22.30 3.16
CA MET A 126 -18.48 -21.25 3.55
C MET A 126 -19.00 -19.95 3.03
N ARG A 127 -18.81 -18.84 3.81
CA ARG A 127 -19.39 -17.55 3.49
C ARG A 127 -18.28 -16.49 3.70
N ALA A 128 -18.06 -15.64 2.70
CA ALA A 128 -17.03 -14.62 2.82
C ALA A 128 -17.54 -13.48 3.72
N ILE A 129 -16.81 -13.20 4.77
CA ILE A 129 -17.17 -12.06 5.65
C ILE A 129 -16.44 -10.82 5.13
N GLU A 130 -15.10 -10.90 5.08
CA GLU A 130 -14.27 -9.79 4.62
C GLU A 130 -13.03 -10.34 3.97
N VAL A 131 -12.85 -10.09 2.67
CA VAL A 131 -11.76 -10.74 1.91
C VAL A 131 -11.06 -9.63 1.05
N PRO A 132 -9.79 -9.84 0.68
CA PRO A 132 -9.10 -8.91 -0.19
C PRO A 132 -9.75 -8.72 -1.53
N GLU A 133 -9.46 -7.59 -2.14
CA GLU A 133 -9.91 -7.34 -3.49
C GLU A 133 -9.38 -8.43 -4.47
N TYR A 134 -8.13 -8.86 -4.32
CA TYR A 134 -7.62 -10.00 -5.10
C TYR A 134 -6.70 -10.81 -4.20
N GLY A 135 -6.53 -12.09 -4.50
CA GLY A 135 -5.76 -12.97 -3.65
C GLY A 135 -6.66 -13.81 -2.76
N GLY A 136 -6.23 -15.03 -2.45
CA GLY A 136 -7.00 -15.92 -1.50
C GLY A 136 -8.15 -16.69 -2.20
N ASP A 137 -8.04 -16.93 -3.53
CA ASP A 137 -8.95 -17.86 -4.23
C ASP A 137 -8.90 -19.20 -3.53
N THR A 138 -9.88 -20.07 -3.80
CA THR A 138 -9.87 -21.43 -3.33
C THR A 138 -9.89 -22.28 -4.57
N GLY A 139 -8.98 -23.23 -4.66
CA GLY A 139 -9.09 -24.19 -5.74
C GLY A 139 -9.96 -25.37 -5.34
N PHE A 140 -10.61 -26.01 -6.34
CA PHE A 140 -11.31 -27.23 -6.20
C PHE A 140 -10.95 -28.19 -7.33
N LEU A 141 -11.19 -29.48 -7.13
CA LEU A 141 -11.06 -30.44 -8.23
C LEU A 141 -12.07 -31.51 -8.01
N SER A 142 -12.37 -32.24 -9.09
CA SER A 142 -13.35 -33.34 -9.01
C SER A 142 -12.70 -34.73 -8.84
N MET A 143 -12.98 -35.41 -7.74
CA MET A 143 -12.52 -36.77 -7.58
C MET A 143 -13.38 -37.80 -8.39
N TYR A 144 -14.53 -37.36 -8.91
CA TYR A 144 -15.26 -38.16 -9.86
C TYR A 144 -14.41 -38.16 -11.16
N SER A 145 -13.97 -36.99 -11.63
CA SER A 145 -13.17 -36.94 -12.81
C SER A 145 -11.80 -37.69 -12.64
N ALA A 146 -11.16 -37.59 -11.45
CA ALA A 146 -9.88 -38.32 -11.22
C ALA A 146 -10.10 -39.82 -11.39
N TRP A 147 -11.22 -40.33 -10.86
CA TRP A 147 -11.58 -41.75 -10.93
C TRP A 147 -11.94 -42.18 -12.37
N GLU A 148 -12.76 -41.36 -13.05
CA GLU A 148 -13.22 -41.70 -14.41
C GLU A 148 -12.12 -41.69 -15.44
N THR A 149 -11.07 -40.93 -15.21
CA THR A 149 -9.97 -40.86 -16.18
C THR A 149 -8.87 -41.91 -15.88
N LEU A 150 -8.99 -42.70 -14.80
CA LEU A 150 -8.20 -43.96 -14.67
C LEU A 150 -8.68 -44.97 -15.72
N SER A 151 -7.75 -45.70 -16.34
CA SER A 151 -8.21 -46.85 -17.23
C SER A 151 -9.10 -47.89 -16.48
N PRO A 152 -9.99 -48.61 -17.22
CA PRO A 152 -10.68 -49.74 -16.54
C PRO A 152 -9.70 -50.69 -15.84
N THR A 153 -8.54 -50.95 -16.47
CA THR A 153 -7.58 -51.85 -15.88
C THR A 153 -7.06 -51.29 -14.57
N MET A 154 -6.64 -50.03 -14.57
CA MET A 154 -6.19 -49.38 -13.33
C MET A 154 -7.33 -49.33 -12.26
N GLN A 155 -8.55 -49.00 -12.68
CA GLN A 155 -9.70 -49.02 -11.73
C GLN A 155 -9.85 -50.37 -11.03
N ALA A 156 -9.77 -51.46 -11.81
CA ALA A 156 -9.96 -52.80 -11.27
C ALA A 156 -8.82 -53.15 -10.31
N THR A 157 -7.63 -52.65 -10.63
CA THR A 157 -6.48 -52.89 -9.80
C THR A 157 -6.62 -52.25 -8.40
N ILE A 158 -7.13 -51.04 -8.31
CA ILE A 158 -7.07 -50.37 -7.02
C ILE A 158 -8.39 -50.38 -6.24
N GLU A 159 -9.50 -50.87 -6.85
CA GLU A 159 -10.81 -50.60 -6.22
C GLU A 159 -11.04 -51.38 -4.94
N GLY A 160 -10.30 -52.46 -4.69
CA GLY A 160 -10.44 -53.18 -3.40
C GLY A 160 -9.52 -52.63 -2.29
N LEU A 161 -8.75 -51.57 -2.51
CA LEU A 161 -7.77 -51.16 -1.48
C LEU A 161 -8.45 -50.20 -0.48
N ASN A 162 -7.95 -50.16 0.74
CA ASN A 162 -8.36 -49.17 1.77
C ASN A 162 -7.14 -48.37 2.13
N VAL A 163 -7.31 -47.23 2.82
CA VAL A 163 -6.22 -46.35 3.14
C VAL A 163 -6.33 -45.98 4.62
N VAL A 164 -5.21 -45.88 5.32
CA VAL A 164 -5.22 -45.42 6.68
C VAL A 164 -5.08 -43.92 6.73
N HIS A 165 -6.00 -43.24 7.43
CA HIS A 165 -5.98 -41.77 7.56
C HIS A 165 -5.74 -41.40 9.03
N SER A 166 -5.09 -40.27 9.31
CA SER A 166 -5.00 -39.76 10.70
C SER A 166 -4.61 -38.30 10.56
N ALA A 167 -4.73 -37.51 11.62
CA ALA A 167 -4.39 -36.10 11.61
C ALA A 167 -2.92 -35.89 12.05
N THR A 168 -2.08 -36.91 11.93
CA THR A 168 -0.77 -36.77 12.61
C THR A 168 0.03 -35.56 12.06
N LYS A 169 -0.11 -35.26 10.74
CA LYS A 169 0.66 -34.14 10.17
C LYS A 169 0.09 -32.79 10.46
N VAL A 170 -1.15 -32.76 10.95
CA VAL A 170 -1.86 -31.50 11.15
C VAL A 170 -1.85 -31.09 12.64
N PHE A 171 -2.12 -32.05 13.53
CA PHE A 171 -2.12 -31.76 14.97
C PHE A 171 -1.63 -32.93 15.82
N GLY A 172 -0.96 -33.90 15.18
CA GLY A 172 -0.43 -35.04 15.90
C GLY A 172 1.12 -34.96 16.00
N SER A 173 1.77 -36.11 16.08
CA SER A 173 3.22 -36.17 16.42
C SER A 173 4.06 -35.65 15.27
N LEU A 174 3.63 -35.86 14.02
CA LEU A 174 4.42 -35.29 12.90
C LEU A 174 4.37 -33.77 12.92
N TYR A 175 3.19 -33.22 13.21
CA TYR A 175 3.05 -31.78 13.39
C TYR A 175 3.98 -31.28 14.49
N GLN A 176 3.92 -31.92 15.67
CA GLN A 176 4.70 -31.48 16.83
C GLN A 176 6.21 -31.64 16.60
N ALA A 177 6.61 -32.56 15.71
CA ALA A 177 8.01 -32.71 15.29
C ALA A 177 8.48 -31.55 14.45
N THR A 178 7.58 -30.89 13.70
CA THR A 178 7.93 -29.86 12.70
C THR A 178 8.17 -28.52 13.35
N ASN A 179 8.63 -27.58 12.53
CA ASN A 179 8.86 -26.22 13.00
C ASN A 179 7.72 -25.26 12.67
N TRP A 180 7.03 -25.51 11.55
CA TRP A 180 6.00 -24.59 11.02
C TRP A 180 4.60 -24.84 11.61
N ARG A 181 4.12 -23.82 12.33
CA ARG A 181 2.82 -23.81 13.00
C ARG A 181 1.74 -23.00 12.27
N PHE A 182 0.48 -23.42 12.42
CA PHE A 182 -0.66 -22.54 12.32
C PHE A 182 -0.67 -21.59 13.50
N SER A 183 -1.24 -20.41 13.27
CA SER A 183 -1.43 -19.43 14.33
C SER A 183 -2.68 -19.89 15.11
N ASN A 184 -2.87 -19.26 16.26
CA ASN A 184 -4.04 -19.55 17.07
C ASN A 184 -5.27 -18.68 16.67
N THR A 185 -5.16 -17.90 15.59
CA THR A 185 -6.33 -17.14 15.18
C THR A 185 -7.56 -18.05 14.92
N SER A 186 -7.38 -19.20 14.26
CA SER A 186 -8.57 -19.98 13.84
C SER A 186 -8.43 -21.37 14.31
N VAL A 187 -7.21 -21.75 14.75
CA VAL A 187 -6.88 -23.14 15.00
C VAL A 187 -6.76 -23.40 16.52
N LYS A 188 -7.43 -24.44 16.98
CA LYS A 188 -7.35 -24.83 18.40
C LYS A 188 -6.13 -25.67 18.76
N VAL A 189 -5.73 -25.58 20.04
CA VAL A 189 -4.78 -26.52 20.57
C VAL A 189 -5.47 -27.86 20.67
N MET A 190 -4.84 -28.91 20.13
CA MET A 190 -5.41 -30.26 20.16
C MET A 190 -4.57 -31.24 21.03
N ASP A 191 -5.16 -32.35 21.42
CA ASP A 191 -4.45 -33.44 22.07
C ASP A 191 -3.65 -34.26 20.99
N VAL A 192 -2.35 -34.47 21.22
CA VAL A 192 -1.50 -35.24 20.30
C VAL A 192 -2.06 -36.62 19.97
N ASP A 193 -2.59 -37.32 20.98
CA ASP A 193 -3.18 -38.62 20.73
C ASP A 193 -4.41 -38.60 19.79
N ALA A 194 -5.26 -37.59 19.91
CA ALA A 194 -6.36 -37.42 18.98
C ALA A 194 -5.78 -37.17 17.55
N GLY A 195 -4.68 -36.45 17.49
CA GLY A 195 -3.97 -36.18 16.22
C GLY A 195 -3.48 -37.47 15.57
N ASP A 196 -3.13 -38.46 16.40
CA ASP A 196 -2.50 -39.68 15.89
C ASP A 196 -3.45 -40.85 15.72
N ARG A 197 -4.69 -40.71 16.20
CA ARG A 197 -5.68 -41.75 16.02
C ARG A 197 -5.95 -42.06 14.52
N GLU A 198 -5.86 -43.34 14.17
CA GLU A 198 -6.07 -43.80 12.79
C GLU A 198 -7.49 -44.26 12.52
N THR A 199 -7.93 -44.08 11.28
CA THR A 199 -9.15 -44.68 10.80
C THR A 199 -8.86 -45.25 9.40
N VAL A 200 -9.78 -46.03 8.87
CA VAL A 200 -9.55 -46.66 7.56
C VAL A 200 -10.75 -46.30 6.68
N HIS A 201 -10.49 -45.81 5.48
CA HIS A 201 -11.54 -45.67 4.46
C HIS A 201 -11.20 -46.36 3.17
N PRO A 202 -12.22 -46.66 2.36
CA PRO A 202 -11.95 -47.18 0.97
C PRO A 202 -11.17 -46.17 0.13
N LEU A 203 -10.32 -46.66 -0.74
CA LEU A 203 -9.61 -45.79 -1.68
C LEU A 203 -10.56 -45.34 -2.79
N VAL A 204 -11.65 -46.09 -3.04
CA VAL A 204 -12.60 -45.65 -4.07
C VAL A 204 -13.99 -45.78 -3.38
N VAL A 205 -14.69 -44.67 -3.28
CA VAL A 205 -16.00 -44.60 -2.60
C VAL A 205 -17.18 -44.41 -3.60
N THR A 206 -18.37 -44.80 -3.17
CA THR A 206 -19.58 -44.51 -3.96
C THR A 206 -20.32 -43.36 -3.24
N HIS A 207 -20.64 -42.29 -3.96
CA HIS A 207 -21.38 -41.20 -3.34
C HIS A 207 -22.76 -41.77 -2.87
N PRO A 208 -23.16 -41.52 -1.60
CA PRO A 208 -24.46 -42.07 -1.10
C PRO A 208 -25.68 -41.47 -1.73
N VAL A 209 -25.58 -40.38 -2.48
CA VAL A 209 -26.78 -39.86 -3.09
C VAL A 209 -26.70 -40.06 -4.56
N THR A 210 -25.59 -39.67 -5.20
CA THR A 210 -25.60 -39.75 -6.66
C THR A 210 -25.29 -41.22 -7.14
N GLY A 211 -24.79 -42.10 -6.25
CA GLY A 211 -24.27 -43.42 -6.65
C GLY A 211 -22.99 -43.39 -7.54
N ARG A 212 -22.45 -42.22 -7.84
CA ARG A 212 -21.26 -42.17 -8.67
C ARG A 212 -19.99 -42.50 -7.85
N ARG A 213 -18.97 -43.03 -8.53
CA ARG A 213 -17.75 -43.35 -7.78
C ARG A 213 -16.70 -42.27 -7.81
N ALA A 214 -15.98 -42.14 -6.71
CA ALA A 214 -14.91 -41.12 -6.63
C ALA A 214 -13.65 -41.69 -6.03
N LEU A 215 -12.52 -41.28 -6.57
CA LEU A 215 -11.22 -41.62 -5.90
C LEU A 215 -11.18 -40.93 -4.52
N TYR A 216 -10.63 -41.57 -3.50
CA TYR A 216 -10.70 -40.97 -2.20
C TYR A 216 -9.35 -41.09 -1.50
N CYS A 217 -8.46 -40.14 -1.75
CA CYS A 217 -7.19 -40.13 -1.00
C CYS A 217 -6.75 -38.70 -1.04
N ASN A 218 -6.01 -38.27 -0.03
CA ASN A 218 -5.49 -36.93 -0.01
C ASN A 218 -4.21 -36.91 0.80
N GLN A 219 -3.24 -36.11 0.36
CA GLN A 219 -1.90 -36.15 0.97
C GLN A 219 -1.84 -35.62 2.40
N VAL A 220 -2.84 -34.81 2.79
CA VAL A 220 -2.83 -34.20 4.15
C VAL A 220 -3.12 -35.23 5.25
N TYR A 221 -4.13 -36.07 5.02
CA TYR A 221 -4.53 -37.08 6.02
C TYR A 221 -4.19 -38.52 5.69
N CYS A 222 -3.98 -38.87 4.41
CA CYS A 222 -3.66 -40.33 4.11
C CYS A 222 -2.24 -40.68 4.50
N GLN A 223 -2.09 -41.73 5.30
CA GLN A 223 -0.75 -42.13 5.81
C GLN A 223 -0.20 -43.21 4.86
N LYS A 224 -1.01 -44.24 4.57
CA LYS A 224 -0.57 -45.30 3.65
C LYS A 224 -1.73 -46.17 3.26
N ILE A 225 -1.52 -46.98 2.24
CA ILE A 225 -2.46 -47.93 1.78
C ILE A 225 -2.39 -49.05 2.78
N GLN A 226 -3.56 -49.50 3.30
CA GLN A 226 -3.54 -50.51 4.36
C GLN A 226 -3.01 -51.85 3.83
N GLY A 227 -2.13 -52.51 4.61
CA GLY A 227 -1.57 -53.80 4.20
C GLY A 227 -0.31 -53.65 3.32
N MET A 228 -0.06 -52.47 2.72
CA MET A 228 1.12 -52.31 1.84
C MET A 228 2.40 -51.98 2.64
N THR A 229 3.61 -52.22 2.06
CA THR A 229 4.84 -51.67 2.67
C THR A 229 4.83 -50.16 2.44
N ASP A 230 5.68 -49.42 3.18
CA ASP A 230 5.74 -47.98 2.98
C ASP A 230 6.12 -47.58 1.56
N ALA A 231 7.14 -48.28 0.99
CA ALA A 231 7.58 -47.99 -0.38
C ALA A 231 6.47 -48.30 -1.41
N GLU A 232 5.73 -49.40 -1.25
CA GLU A 232 4.62 -49.72 -2.23
C GLU A 232 3.54 -48.65 -2.13
N SER A 233 3.21 -48.32 -0.90
CA SER A 233 2.12 -47.38 -0.70
C SER A 233 2.52 -46.03 -1.23
N LYS A 234 3.73 -45.63 -0.94
CA LYS A 234 4.21 -44.29 -1.37
C LYS A 234 4.15 -44.19 -2.86
N SER A 235 4.55 -45.24 -3.56
CA SER A 235 4.56 -45.19 -4.99
C SER A 235 3.14 -45.05 -5.61
N LEU A 236 2.22 -45.82 -5.10
CA LEU A 236 0.85 -45.76 -5.63
C LEU A 236 0.15 -44.40 -5.31
N LEU A 237 0.21 -43.98 -4.03
CA LEU A 237 -0.45 -42.73 -3.58
C LEU A 237 0.15 -41.56 -4.32
N GLN A 238 1.48 -41.54 -4.47
CA GLN A 238 2.09 -40.50 -5.27
C GLN A 238 1.55 -40.39 -6.69
N PHE A 239 1.49 -41.50 -7.40
CA PHE A 239 0.87 -41.46 -8.70
C PHE A 239 -0.60 -40.93 -8.63
N LEU A 240 -1.40 -41.39 -7.64
CA LEU A 240 -2.78 -40.94 -7.60
C LEU A 240 -2.89 -39.43 -7.36
N TYR A 241 -2.01 -38.90 -6.49
CA TYR A 241 -2.06 -37.47 -6.17
C TYR A 241 -1.71 -36.69 -7.44
N GLU A 242 -0.65 -37.09 -8.14
CA GLU A 242 -0.26 -36.41 -9.39
C GLU A 242 -1.40 -36.50 -10.43
N HIS A 243 -2.02 -37.66 -10.52
CA HIS A 243 -3.11 -37.85 -11.49
C HIS A 243 -4.30 -36.92 -11.08
N ALA A 244 -4.70 -36.94 -9.82
CA ALA A 244 -5.92 -36.20 -9.42
C ALA A 244 -5.76 -34.70 -9.50
N THR A 245 -4.55 -34.21 -9.28
CA THR A 245 -4.36 -32.73 -9.22
C THR A 245 -3.90 -32.10 -10.52
N LYS A 246 -4.03 -32.80 -11.63
CA LYS A 246 -3.74 -32.18 -12.92
C LYS A 246 -4.63 -30.94 -13.09
N PHE A 247 -4.08 -29.92 -13.75
CA PHE A 247 -4.75 -28.63 -13.80
C PHE A 247 -6.09 -28.81 -14.50
N ASP A 248 -6.16 -29.75 -15.45
CA ASP A 248 -7.39 -29.96 -16.17
C ASP A 248 -8.58 -30.38 -15.32
N PHE A 249 -8.34 -30.91 -14.09
CA PHE A 249 -9.46 -31.36 -13.29
C PHE A 249 -9.88 -30.34 -12.27
N THR A 250 -9.28 -29.16 -12.29
CA THR A 250 -9.56 -28.13 -11.25
C THR A 250 -10.52 -27.01 -11.68
N CYS A 251 -11.00 -26.23 -10.73
CA CYS A 251 -11.54 -24.94 -11.08
C CYS A 251 -11.03 -23.97 -10.02
N ARG A 252 -11.33 -22.71 -10.17
CA ARG A 252 -10.77 -21.80 -9.18
C ARG A 252 -11.87 -20.82 -8.80
N VAL A 253 -12.14 -20.65 -7.50
CA VAL A 253 -13.23 -19.75 -7.11
C VAL A 253 -12.63 -18.49 -6.47
N ARG A 254 -13.04 -17.35 -6.96
CA ARG A 254 -12.64 -16.10 -6.39
C ARG A 254 -13.75 -15.66 -5.41
N TRP A 255 -13.38 -15.09 -4.27
CA TRP A 255 -14.38 -14.70 -3.28
C TRP A 255 -14.65 -13.21 -3.33
N LYS A 256 -15.86 -12.83 -2.95
CA LYS A 256 -16.20 -11.40 -2.72
C LYS A 256 -17.07 -11.45 -1.49
N LYS A 257 -17.18 -10.33 -0.79
CA LYS A 257 -17.96 -10.29 0.43
C LYS A 257 -19.36 -10.91 0.22
N ASP A 258 -19.78 -11.73 1.19
CA ASP A 258 -21.09 -12.39 1.22
C ASP A 258 -21.39 -13.36 0.09
N GLN A 259 -20.33 -13.91 -0.50
CA GLN A 259 -20.45 -15.08 -1.34
C GLN A 259 -20.63 -16.29 -0.45
N VAL A 260 -21.63 -17.13 -0.73
CA VAL A 260 -21.90 -18.36 0.05
C VAL A 260 -21.64 -19.51 -0.95
N LEU A 261 -20.86 -20.48 -0.50
CA LEU A 261 -20.44 -21.54 -1.40
C LEU A 261 -20.65 -22.87 -0.66
N VAL A 262 -21.03 -23.90 -1.39
CA VAL A 262 -21.11 -25.18 -0.78
C VAL A 262 -20.28 -26.18 -1.59
N TRP A 263 -19.49 -27.02 -0.90
CA TRP A 263 -18.74 -28.04 -1.63
C TRP A 263 -19.10 -29.37 -1.08
N ASP A 264 -19.00 -30.38 -1.95
CA ASP A 264 -19.24 -31.75 -1.54
C ASP A 264 -17.91 -32.28 -1.04
N ASN A 265 -17.85 -32.65 0.23
CA ASN A 265 -16.57 -33.04 0.87
C ASN A 265 -16.15 -34.49 0.55
N LEU A 266 -17.02 -35.27 -0.09
CA LEU A 266 -16.66 -36.63 -0.48
C LEU A 266 -16.02 -36.72 -1.90
N CYS A 267 -16.55 -35.97 -2.85
CA CYS A 267 -16.22 -36.13 -4.26
C CYS A 267 -15.36 -35.02 -4.84
N THR A 268 -14.89 -34.12 -3.98
CA THR A 268 -14.05 -33.02 -4.38
C THR A 268 -12.86 -32.96 -3.42
N MET A 269 -11.81 -32.28 -3.91
CA MET A 269 -10.72 -31.80 -3.05
C MET A 269 -10.61 -30.30 -3.27
N HIS A 270 -10.02 -29.63 -2.31
CA HIS A 270 -9.84 -28.19 -2.41
C HIS A 270 -8.53 -27.77 -1.79
N ARG A 271 -8.15 -26.51 -2.00
CA ARG A 271 -6.94 -26.02 -1.35
C ARG A 271 -6.98 -24.49 -1.28
N ALA A 272 -6.36 -23.95 -0.24
CA ALA A 272 -6.25 -22.51 -0.12
C ALA A 272 -5.10 -22.03 -1.04
N VAL A 273 -5.18 -20.79 -1.51
CA VAL A 273 -4.13 -20.20 -2.33
C VAL A 273 -3.53 -19.05 -1.44
N PRO A 274 -2.27 -19.15 -1.08
CA PRO A 274 -1.76 -18.19 -0.09
C PRO A 274 -1.13 -16.94 -0.72
N ASP A 275 -1.80 -16.30 -1.70
CA ASP A 275 -1.15 -15.24 -2.43
C ASP A 275 -1.66 -13.89 -1.93
N TYR A 276 -1.87 -13.75 -0.64
CA TYR A 276 -2.37 -12.46 -0.15
C TYR A 276 -1.63 -12.14 1.17
N ALA A 277 -0.38 -12.53 1.29
CA ALA A 277 0.38 -12.26 2.56
C ALA A 277 0.23 -10.74 2.93
N GLY A 278 -0.04 -10.42 4.18
CA GLY A 278 -0.20 -8.99 4.55
C GLY A 278 -1.60 -8.46 4.44
N LYS A 279 -2.56 -9.28 4.00
CA LYS A 279 -3.94 -8.78 3.84
C LYS A 279 -4.89 -9.61 4.75
N PHE A 280 -5.86 -8.94 5.39
CA PHE A 280 -6.82 -9.61 6.28
C PHE A 280 -7.77 -10.45 5.42
N ARG A 281 -8.14 -11.63 5.91
CA ARG A 281 -9.08 -12.46 5.20
C ARG A 281 -9.87 -13.25 6.22
N TYR A 282 -11.20 -13.25 6.04
CA TYR A 282 -12.09 -13.90 7.03
C TYR A 282 -13.34 -14.46 6.32
N LEU A 283 -13.48 -15.79 6.43
CA LEU A 283 -14.71 -16.43 6.00
C LEU A 283 -15.22 -17.26 7.20
N THR A 284 -16.53 -17.52 7.24
CA THR A 284 -17.04 -18.45 8.26
C THR A 284 -17.50 -19.69 7.54
N ARG A 285 -17.72 -20.78 8.26
CA ARG A 285 -18.22 -21.94 7.62
C ARG A 285 -18.99 -22.82 8.65
N THR A 286 -20.01 -23.49 8.13
CA THR A 286 -20.67 -24.56 8.93
C THR A 286 -20.44 -25.87 8.17
N THR A 287 -20.25 -26.98 8.88
CA THR A 287 -19.93 -28.22 8.27
C THR A 287 -21.15 -29.15 8.40
N VAL A 288 -21.40 -29.91 7.33
CA VAL A 288 -22.50 -30.85 7.35
C VAL A 288 -21.99 -32.27 7.45
N ALA A 289 -22.53 -32.98 8.45
CA ALA A 289 -22.03 -34.26 8.90
C ALA A 289 -22.28 -35.23 7.75
N GLY A 290 -21.41 -36.23 7.65
CA GLY A 290 -21.65 -37.35 6.70
C GLY A 290 -21.66 -38.73 7.40
N ASP A 291 -21.93 -39.77 6.63
CA ASP A 291 -21.85 -41.15 7.08
C ASP A 291 -20.51 -41.69 6.68
N LYS A 292 -20.16 -42.85 7.23
CA LYS A 292 -18.97 -43.58 6.89
C LYS A 292 -18.78 -43.74 5.39
N PRO A 293 -17.67 -43.21 4.86
CA PRO A 293 -17.35 -43.45 3.45
C PRO A 293 -17.44 -44.94 3.17
N SER A 294 -18.04 -45.29 2.05
CA SER A 294 -18.11 -46.73 1.72
C SER A 294 -18.06 -46.99 0.24
N ARG A 295 -17.72 -48.24 -0.06
CA ARG A 295 -17.28 -48.59 -1.39
C ARG A 295 -18.41 -48.75 -2.44
N ASN B 10 -5.25 2.05 -9.28
CA ASN B 10 -5.09 2.91 -8.03
C ASN B 10 -4.08 4.02 -8.32
N LYS B 11 -2.86 3.59 -8.66
CA LYS B 11 -1.94 4.47 -9.34
C LYS B 11 -2.41 4.67 -10.82
N TYR B 12 -3.35 3.88 -11.32
CA TYR B 12 -3.71 3.98 -12.73
C TYR B 12 -4.76 5.02 -12.90
N ARG B 13 -4.55 6.01 -13.75
CA ARG B 13 -5.66 6.99 -13.83
C ARG B 13 -6.38 7.12 -15.17
N PHE B 14 -5.87 6.49 -16.22
CA PHE B 14 -6.51 6.50 -17.53
C PHE B 14 -7.16 5.14 -17.88
N ILE B 15 -6.88 4.11 -17.08
CA ILE B 15 -7.52 2.77 -17.30
C ILE B 15 -7.87 2.28 -15.95
N ASP B 16 -8.79 1.31 -15.90
CA ASP B 16 -9.16 0.66 -14.65
C ASP B 16 -8.56 -0.76 -14.68
N VAL B 17 -7.73 -1.04 -13.67
CA VAL B 17 -7.12 -2.34 -13.62
C VAL B 17 -7.51 -3.13 -12.40
N GLN B 18 -8.00 -4.35 -12.66
CA GLN B 18 -8.48 -5.25 -11.60
C GLN B 18 -7.59 -6.53 -11.61
N PRO B 19 -6.60 -6.57 -10.74
CA PRO B 19 -5.76 -7.76 -10.78
C PRO B 19 -6.55 -9.02 -10.50
N LEU B 20 -6.07 -10.09 -11.11
CA LEU B 20 -6.84 -11.37 -11.11
C LEU B 20 -6.50 -12.25 -9.91
N THR B 21 -5.20 -12.38 -9.58
CA THR B 21 -4.70 -13.11 -8.40
C THR B 21 -3.58 -12.23 -7.78
N GLY B 22 -2.99 -12.66 -6.68
CA GLY B 22 -1.78 -12.00 -6.06
C GLY B 22 -0.47 -12.36 -6.82
N VAL B 23 -0.55 -13.13 -7.87
CA VAL B 23 0.67 -13.58 -8.53
C VAL B 23 0.79 -12.95 -9.93
N LEU B 24 -0.23 -13.09 -10.76
CA LEU B 24 -0.21 -12.47 -12.10
C LEU B 24 -1.61 -12.29 -12.66
N GLY B 25 -1.73 -11.50 -13.73
CA GLY B 25 -3.04 -11.41 -14.39
C GLY B 25 -3.84 -10.20 -13.94
N ALA B 26 -4.42 -9.47 -14.91
CA ALA B 26 -5.26 -8.36 -14.57
C ALA B 26 -6.24 -8.13 -15.65
N GLU B 27 -7.48 -7.82 -15.25
CA GLU B 27 -8.48 -7.27 -16.17
C GLU B 27 -8.35 -5.75 -16.33
N ILE B 28 -8.51 -5.25 -17.54
CA ILE B 28 -8.41 -3.83 -17.85
C ILE B 28 -9.69 -3.38 -18.50
N THR B 29 -10.33 -2.38 -17.89
CA THR B 29 -11.57 -1.81 -18.45
C THR B 29 -11.43 -0.27 -18.56
N GLY B 30 -12.46 0.40 -19.06
CA GLY B 30 -12.44 1.85 -19.12
C GLY B 30 -11.72 2.27 -20.39
N VAL B 31 -11.54 1.37 -21.37
CA VAL B 31 -10.84 1.72 -22.58
C VAL B 31 -11.51 1.11 -23.81
N ASP B 32 -11.54 1.82 -24.93
CA ASP B 32 -12.17 1.26 -26.15
C ASP B 32 -11.07 1.06 -27.19
N LEU B 33 -10.73 -0.21 -27.41
CA LEU B 33 -9.64 -0.55 -28.30
C LEU B 33 -10.03 -0.36 -29.75
N ARG B 34 -11.29 -0.11 -30.07
CA ARG B 34 -11.57 0.33 -31.45
C ARG B 34 -11.07 1.77 -31.77
N GLU B 35 -10.73 2.55 -30.76
CA GLU B 35 -10.27 3.93 -30.93
C GLU B 35 -8.73 4.05 -30.68
N PRO B 36 -8.09 5.06 -31.29
CA PRO B 36 -6.66 5.20 -30.99
C PRO B 36 -6.47 5.46 -29.49
N LEU B 37 -5.33 5.09 -28.96
CA LEU B 37 -5.06 5.33 -27.55
C LEU B 37 -4.14 6.53 -27.45
N ASP B 38 -4.41 7.47 -26.56
CA ASP B 38 -3.45 8.57 -26.40
C ASP B 38 -2.23 8.03 -25.65
N ASP B 39 -1.11 8.75 -25.71
CA ASP B 39 0.10 8.35 -25.03
C ASP B 39 -0.11 8.00 -23.57
N SER B 40 -0.94 8.72 -22.85
CA SER B 40 -1.12 8.50 -21.43
C SER B 40 -1.78 7.11 -21.22
N THR B 41 -2.75 6.79 -22.06
CA THR B 41 -3.52 5.57 -21.86
C THR B 41 -2.62 4.39 -22.28
N TRP B 42 -1.92 4.54 -23.40
CA TRP B 42 -0.98 3.51 -23.87
C TRP B 42 0.12 3.24 -22.83
N ASN B 43 0.71 4.29 -22.25
CA ASN B 43 1.76 4.09 -21.20
C ASN B 43 1.28 3.29 -20.00
N GLU B 44 0.04 3.54 -19.55
CA GLU B 44 -0.53 2.73 -18.46
C GLU B 44 -0.78 1.24 -18.89
N ILE B 45 -1.31 1.05 -20.10
CA ILE B 45 -1.53 -0.31 -20.58
C ILE B 45 -0.23 -1.08 -20.62
N LEU B 46 0.83 -0.48 -21.16
CA LEU B 46 2.11 -1.09 -21.23
C LEU B 46 2.67 -1.33 -19.85
N ASP B 47 2.42 -0.38 -18.93
CA ASP B 47 2.89 -0.59 -17.58
C ASP B 47 2.15 -1.78 -16.93
N ALA B 48 0.84 -1.85 -17.14
CA ALA B 48 0.05 -2.93 -16.56
C ALA B 48 0.53 -4.30 -17.18
N PHE B 49 0.85 -4.29 -18.48
CA PHE B 49 1.36 -5.50 -19.14
C PHE B 49 2.65 -5.99 -18.49
N HIS B 50 3.54 -5.04 -18.21
CA HIS B 50 4.82 -5.38 -17.55
C HIS B 50 4.68 -5.82 -16.09
N THR B 51 3.74 -5.25 -15.35
CA THR B 51 3.55 -5.58 -13.95
C THR B 51 2.79 -6.90 -13.84
N TYR B 52 1.72 -7.07 -14.63
CA TYR B 52 0.83 -8.20 -14.43
C TYR B 52 1.06 -9.37 -15.36
N GLN B 53 1.84 -9.17 -16.45
CA GLN B 53 2.30 -10.23 -17.36
C GLN B 53 1.26 -10.80 -18.28
N VAL B 54 0.00 -10.86 -17.79
CA VAL B 54 -1.10 -11.25 -18.68
C VAL B 54 -2.20 -10.32 -18.41
N ILE B 55 -2.66 -9.62 -19.47
CA ILE B 55 -3.71 -8.68 -19.27
C ILE B 55 -4.85 -8.96 -20.25
N TYR B 56 -6.07 -8.63 -19.88
CA TYR B 56 -7.19 -8.91 -20.81
C TYR B 56 -8.27 -7.83 -20.63
N PHE B 57 -8.98 -7.57 -21.72
CA PHE B 57 -9.86 -6.44 -21.92
C PHE B 57 -11.16 -7.10 -22.38
N PRO B 58 -12.12 -7.29 -21.48
CA PRO B 58 -13.49 -7.80 -21.94
C PRO B 58 -14.19 -6.80 -22.88
N GLY B 59 -15.04 -7.31 -23.76
CA GLY B 59 -16.00 -6.48 -24.52
C GLY B 59 -15.34 -5.60 -25.59
N GLN B 60 -14.37 -6.10 -26.36
CA GLN B 60 -13.68 -5.25 -27.34
C GLN B 60 -14.01 -5.77 -28.76
N ALA B 61 -15.08 -5.27 -29.34
CA ALA B 61 -15.51 -5.79 -30.64
C ALA B 61 -14.65 -5.15 -31.77
N ILE B 62 -13.41 -5.57 -31.91
CA ILE B 62 -12.49 -4.91 -32.84
C ILE B 62 -12.44 -5.63 -34.21
N THR B 63 -12.03 -4.93 -35.25
CA THR B 63 -11.87 -5.59 -36.57
C THR B 63 -10.53 -6.34 -36.55
N ASN B 64 -10.29 -7.24 -37.48
CA ASN B 64 -8.98 -7.83 -37.63
C ASN B 64 -7.82 -6.81 -37.82
N GLU B 65 -8.06 -5.76 -38.61
CA GLU B 65 -7.08 -4.67 -38.75
C GLU B 65 -6.80 -3.94 -37.43
N GLN B 66 -7.83 -3.69 -36.62
CA GLN B 66 -7.60 -3.03 -35.32
C GLN B 66 -6.84 -4.02 -34.39
N HIS B 67 -7.10 -5.32 -34.54
CA HIS B 67 -6.32 -6.35 -33.76
C HIS B 67 -4.81 -6.26 -34.17
N ILE B 68 -4.54 -6.22 -35.47
CA ILE B 68 -3.13 -6.08 -35.95
C ILE B 68 -2.50 -4.77 -35.45
N ALA B 69 -3.21 -3.66 -35.62
CA ALA B 69 -2.66 -2.36 -35.20
C ALA B 69 -2.36 -2.36 -33.67
N PHE B 70 -3.29 -2.88 -32.84
CA PHE B 70 -3.06 -2.83 -31.42
C PHE B 70 -1.86 -3.75 -31.05
N SER B 71 -1.78 -4.91 -31.68
CA SER B 71 -0.66 -5.87 -31.46
C SER B 71 0.68 -5.16 -31.80
N ARG B 72 0.71 -4.47 -32.94
CA ARG B 72 1.85 -3.68 -33.35
C ARG B 72 2.39 -2.65 -32.32
N ARG B 73 1.53 -2.12 -31.46
CA ARG B 73 1.96 -1.19 -30.39
C ARG B 73 2.93 -1.89 -29.46
N PHE B 74 2.86 -3.22 -29.39
CA PHE B 74 3.75 -3.98 -28.46
C PHE B 74 5.09 -4.28 -29.09
N GLY B 75 5.17 -4.32 -30.41
CA GLY B 75 6.46 -4.69 -31.08
C GLY B 75 6.10 -5.17 -32.46
N PRO B 76 7.09 -5.45 -33.32
CA PRO B 76 6.87 -5.91 -34.69
C PRO B 76 6.01 -7.21 -34.65
N VAL B 77 5.12 -7.43 -35.64
CA VAL B 77 4.24 -8.62 -35.58
C VAL B 77 4.78 -9.62 -36.61
N ASP B 78 4.72 -10.91 -36.24
CA ASP B 78 5.31 -11.99 -37.04
C ASP B 78 4.61 -13.29 -36.62
N PRO B 79 3.93 -13.98 -37.54
CA PRO B 79 3.25 -15.26 -37.11
C PRO B 79 4.15 -16.38 -36.65
N VAL B 80 3.60 -17.31 -35.87
CA VAL B 80 4.32 -18.49 -35.47
C VAL B 80 4.29 -19.50 -36.61
N PRO B 81 5.34 -20.31 -36.67
CA PRO B 81 5.39 -21.22 -37.83
C PRO B 81 4.18 -22.17 -38.01
N ILE B 82 3.54 -22.65 -36.91
CA ILE B 82 2.73 -23.86 -37.08
C ILE B 82 1.23 -23.58 -37.44
N LEU B 83 0.74 -22.37 -37.15
CA LEU B 83 -0.75 -22.10 -37.23
C LEU B 83 -1.17 -21.55 -38.63
N LYS B 84 -2.35 -21.99 -39.13
CA LYS B 84 -2.96 -21.41 -40.32
C LYS B 84 -3.43 -20.00 -40.01
N SER B 85 -3.41 -19.12 -41.02
CA SER B 85 -3.96 -17.81 -40.78
C SER B 85 -5.30 -17.63 -41.53
N ILE B 86 -6.09 -16.60 -41.17
CA ILE B 86 -7.35 -16.29 -41.82
C ILE B 86 -7.05 -15.75 -43.22
N GLU B 87 -7.97 -16.03 -44.14
CA GLU B 87 -7.82 -15.49 -45.52
C GLU B 87 -7.71 -13.95 -45.57
N GLY B 88 -6.62 -13.42 -46.09
CA GLY B 88 -6.52 -11.96 -46.29
C GLY B 88 -5.73 -11.34 -45.15
N TYR B 89 -5.42 -12.13 -44.11
CA TYR B 89 -4.57 -11.62 -43.00
C TYR B 89 -3.53 -12.63 -42.52
N PRO B 90 -2.38 -12.70 -43.20
CA PRO B 90 -1.32 -13.64 -42.81
C PRO B 90 -0.87 -13.43 -41.36
N GLU B 91 -1.04 -12.23 -40.79
CA GLU B 91 -0.64 -12.01 -39.38
C GLU B 91 -1.66 -12.48 -38.36
N VAL B 92 -2.85 -12.88 -38.80
CA VAL B 92 -3.93 -13.19 -37.82
C VAL B 92 -4.13 -14.70 -37.94
N GLN B 93 -3.67 -15.46 -36.90
CA GLN B 93 -3.67 -16.91 -36.99
C GLN B 93 -4.83 -17.44 -36.17
N MET B 94 -5.19 -18.70 -36.36
CA MET B 94 -6.44 -19.21 -35.76
C MET B 94 -6.12 -20.26 -34.68
N ILE B 95 -6.83 -20.18 -33.57
CA ILE B 95 -6.92 -21.32 -32.65
C ILE B 95 -8.39 -21.79 -32.74
N ARG B 96 -8.64 -22.77 -33.61
CA ARG B 96 -10.00 -23.07 -33.98
C ARG B 96 -10.18 -24.56 -33.88
N ARG B 97 -11.28 -24.96 -33.21
CA ARG B 97 -11.57 -26.40 -33.01
C ARG B 97 -13.06 -26.63 -33.34
N GLU B 98 -13.29 -27.43 -34.37
CA GLU B 98 -14.67 -27.72 -34.80
C GLU B 98 -15.29 -28.60 -33.69
N ALA B 99 -16.62 -28.55 -33.50
CA ALA B 99 -17.24 -29.26 -32.35
C ALA B 99 -16.90 -30.76 -32.35
N ASN B 100 -16.90 -31.38 -33.53
CA ASN B 100 -16.78 -32.83 -33.59
C ASN B 100 -15.37 -33.39 -33.75
N GLU B 101 -14.34 -32.54 -33.61
CA GLU B 101 -12.97 -33.02 -33.70
C GLU B 101 -12.64 -34.02 -32.59
N SER B 102 -11.81 -35.01 -32.88
CA SER B 102 -11.40 -35.98 -31.86
CA SER B 102 -11.40 -35.98 -31.85
C SER B 102 -9.87 -35.99 -31.72
N SER B 103 -9.25 -35.00 -32.32
CA SER B 103 -7.80 -34.91 -32.39
C SER B 103 -7.24 -34.27 -31.12
N ARG B 104 -5.92 -34.24 -31.03
CA ARG B 104 -5.27 -33.56 -29.91
C ARG B 104 -5.67 -32.09 -29.77
N PHE B 105 -5.85 -31.61 -28.55
CA PHE B 105 -6.18 -30.21 -28.31
C PHE B 105 -4.86 -29.39 -28.39
N ILE B 106 -4.89 -28.31 -29.17
CA ILE B 106 -3.68 -27.51 -29.34
C ILE B 106 -3.23 -26.86 -28.01
N GLY B 107 -1.94 -26.99 -27.68
CA GLY B 107 -1.41 -26.27 -26.52
C GLY B 107 -1.89 -26.85 -25.18
N ASP B 108 -2.20 -28.13 -25.13
CA ASP B 108 -2.80 -28.65 -23.86
C ASP B 108 -1.74 -29.13 -22.79
N ASP B 109 -0.53 -28.57 -22.84
CA ASP B 109 0.52 -28.84 -21.80
C ASP B 109 1.07 -27.46 -21.50
N TRP B 110 1.57 -27.26 -20.29
CA TRP B 110 2.24 -26.00 -19.96
C TRP B 110 3.40 -25.71 -20.96
N HIS B 111 3.39 -24.55 -21.62
CA HIS B 111 4.53 -24.22 -22.53
C HIS B 111 4.59 -22.71 -22.67
N THR B 112 5.60 -22.22 -23.37
CA THR B 112 5.42 -20.92 -23.92
C THR B 112 5.70 -21.04 -25.41
N ASP B 113 5.24 -20.12 -26.25
CA ASP B 113 5.17 -20.40 -27.67
C ASP B 113 6.48 -20.43 -28.40
N SER B 114 6.55 -21.37 -29.34
CA SER B 114 7.57 -21.42 -30.44
C SER B 114 9.01 -21.18 -29.91
N THR B 115 9.38 -21.85 -28.79
CA THR B 115 10.71 -21.58 -28.16
C THR B 115 11.85 -22.32 -28.90
N PHE B 116 11.51 -23.21 -29.86
CA PHE B 116 12.47 -23.81 -30.77
C PHE B 116 13.07 -22.76 -31.74
N LEU B 117 12.45 -21.59 -31.85
CA LEU B 117 13.01 -20.49 -32.70
C LEU B 117 14.25 -19.89 -32.03
N ASP B 118 15.21 -19.44 -32.85
CA ASP B 118 16.37 -18.67 -32.26
C ASP B 118 15.83 -17.46 -31.53
N ALA B 119 14.74 -16.91 -32.02
CA ALA B 119 14.16 -15.73 -31.31
C ALA B 119 12.66 -15.96 -31.25
N PRO B 120 12.19 -16.59 -30.16
CA PRO B 120 10.77 -16.78 -29.93
C PRO B 120 9.95 -15.49 -29.85
N PRO B 121 8.60 -15.62 -29.93
CA PRO B 121 7.83 -14.36 -29.79
C PRO B 121 8.01 -13.69 -28.46
N ALA B 122 7.90 -12.35 -28.42
CA ALA B 122 7.85 -11.65 -27.12
C ALA B 122 6.47 -11.66 -26.45
N ALA B 123 5.41 -11.68 -27.27
CA ALA B 123 4.10 -11.59 -26.73
C ALA B 123 3.10 -12.10 -27.72
N VAL B 124 1.90 -12.47 -27.22
CA VAL B 124 0.84 -12.75 -28.14
C VAL B 124 -0.47 -12.06 -27.80
N VAL B 125 -1.23 -11.68 -28.84
CA VAL B 125 -2.50 -11.03 -28.56
C VAL B 125 -3.64 -11.85 -29.18
N MET B 126 -4.44 -12.43 -28.27
CA MET B 126 -5.43 -13.42 -28.59
C MET B 126 -6.82 -12.81 -28.42
N ARG B 127 -7.75 -13.11 -29.32
CA ARG B 127 -9.03 -12.47 -29.23
C ARG B 127 -10.09 -13.57 -29.42
N ALA B 128 -11.08 -13.65 -28.50
CA ALA B 128 -12.21 -14.61 -28.62
C ALA B 128 -13.21 -14.21 -29.77
N ILE B 129 -13.42 -15.11 -30.74
CA ILE B 129 -14.42 -14.87 -31.79
C ILE B 129 -15.73 -15.51 -31.33
N GLU B 130 -15.72 -16.85 -31.14
CA GLU B 130 -16.87 -17.57 -30.63
C GLU B 130 -16.38 -18.64 -29.68
N VAL B 131 -16.85 -18.67 -28.43
CA VAL B 131 -16.35 -19.65 -27.53
C VAL B 131 -17.53 -20.25 -26.73
N PRO B 132 -17.33 -21.41 -26.07
CA PRO B 132 -18.38 -22.10 -25.35
C PRO B 132 -18.81 -21.22 -24.16
N GLU B 133 -20.04 -21.41 -23.72
CA GLU B 133 -20.59 -20.72 -22.54
C GLU B 133 -19.71 -21.05 -21.34
N TYR B 134 -19.21 -22.27 -21.25
CA TYR B 134 -18.22 -22.63 -20.24
C TYR B 134 -17.32 -23.77 -20.81
N GLY B 135 -16.10 -23.89 -20.26
CA GLY B 135 -15.11 -24.80 -20.80
C GLY B 135 -14.16 -24.04 -21.77
N GLY B 136 -12.92 -24.46 -21.87
CA GLY B 136 -11.96 -23.79 -22.80
C GLY B 136 -11.17 -22.64 -22.15
N ASP B 137 -11.13 -22.59 -20.82
CA ASP B 137 -10.32 -21.55 -20.16
C ASP B 137 -8.87 -21.76 -20.55
N THR B 138 -8.04 -20.73 -20.31
CA THR B 138 -6.60 -20.87 -20.56
C THR B 138 -5.94 -20.68 -19.23
N GLY B 139 -5.04 -21.59 -18.84
CA GLY B 139 -4.19 -21.33 -17.62
C GLY B 139 -2.94 -20.53 -17.99
N PHE B 140 -2.46 -19.72 -17.04
CA PHE B 140 -1.22 -18.98 -17.16
C PHE B 140 -0.43 -19.17 -15.86
N LEU B 141 0.87 -19.03 -15.95
CA LEU B 141 1.65 -18.98 -14.70
C LEU B 141 2.84 -18.07 -14.85
N SER B 142 3.39 -17.59 -13.74
CA SER B 142 4.51 -16.67 -13.85
C SER B 142 5.85 -17.38 -13.67
N MET B 143 6.74 -17.26 -14.64
CA MET B 143 8.09 -17.77 -14.52
C MET B 143 9.03 -16.82 -13.75
N TYR B 144 8.62 -15.54 -13.59
CA TYR B 144 9.21 -14.68 -12.53
C TYR B 144 9.02 -15.32 -11.18
N SER B 145 7.78 -15.64 -10.80
CA SER B 145 7.54 -16.34 -9.55
C SER B 145 8.21 -17.69 -9.44
N ALA B 146 8.20 -18.48 -10.52
CA ALA B 146 8.94 -19.79 -10.44
C ALA B 146 10.44 -19.54 -10.08
N TRP B 147 11.06 -18.56 -10.70
CA TRP B 147 12.48 -18.22 -10.43
C TRP B 147 12.73 -17.65 -9.00
N GLU B 148 11.92 -16.67 -8.63
CA GLU B 148 12.02 -16.05 -7.30
C GLU B 148 11.81 -16.95 -6.10
N THR B 149 11.09 -18.05 -6.27
CA THR B 149 10.82 -18.91 -5.13
C THR B 149 11.83 -20.11 -5.12
N LEU B 150 12.78 -20.14 -6.08
CA LEU B 150 13.98 -21.03 -5.91
C LEU B 150 14.83 -20.38 -4.81
N SER B 151 15.45 -21.20 -3.95
CA SER B 151 16.41 -20.64 -2.96
C SER B 151 17.59 -19.91 -3.65
N PRO B 152 18.23 -18.93 -2.94
CA PRO B 152 19.47 -18.35 -3.49
C PRO B 152 20.48 -19.43 -3.90
N THR B 153 20.59 -20.51 -3.12
CA THR B 153 21.54 -21.55 -3.46
C THR B 153 21.16 -22.26 -4.75
N MET B 154 19.89 -22.62 -4.86
CA MET B 154 19.47 -23.31 -6.10
C MET B 154 19.62 -22.36 -7.34
N GLN B 155 19.29 -21.09 -7.18
CA GLN B 155 19.50 -20.07 -8.25
C GLN B 155 20.94 -19.97 -8.77
N ALA B 156 21.91 -19.91 -7.84
CA ALA B 156 23.33 -19.91 -8.21
C ALA B 156 23.73 -21.20 -8.90
N THR B 157 23.15 -22.32 -8.48
CA THR B 157 23.46 -23.62 -9.03
C THR B 157 23.06 -23.70 -10.51
N ILE B 158 21.89 -23.16 -10.87
CA ILE B 158 21.43 -23.34 -12.25
C ILE B 158 21.59 -22.17 -13.20
N GLU B 159 22.05 -21.01 -12.73
CA GLU B 159 21.91 -19.80 -13.51
C GLU B 159 22.84 -19.81 -14.73
N GLY B 160 23.92 -20.61 -14.70
CA GLY B 160 24.83 -20.68 -15.85
C GLY B 160 24.41 -21.74 -16.88
N LEU B 161 23.28 -22.44 -16.70
CA LEU B 161 22.96 -23.54 -17.63
C LEU B 161 22.16 -23.05 -18.85
N ASN B 162 22.28 -23.76 -19.98
CA ASN B 162 21.51 -23.54 -21.24
C ASN B 162 20.73 -24.80 -21.54
N VAL B 163 19.70 -24.73 -22.39
CA VAL B 163 18.80 -25.83 -22.66
C VAL B 163 18.66 -25.92 -24.16
N VAL B 164 18.63 -27.15 -24.65
CA VAL B 164 18.47 -27.36 -26.07
C VAL B 164 16.96 -27.51 -26.35
N HIS B 165 16.44 -26.70 -27.28
CA HIS B 165 15.00 -26.69 -27.65
C HIS B 165 14.82 -27.14 -29.09
N SER B 166 13.74 -27.84 -29.38
CA SER B 166 13.31 -28.04 -30.76
C SER B 166 11.86 -28.44 -30.77
N ALA B 167 11.29 -28.46 -31.97
CA ALA B 167 9.88 -28.78 -32.15
C ALA B 167 9.69 -30.27 -32.43
N THR B 168 10.67 -31.10 -32.03
CA THR B 168 10.58 -32.52 -32.47
C THR B 168 9.27 -33.21 -31.99
N LYS B 169 8.76 -32.84 -30.82
CA LYS B 169 7.56 -33.54 -30.34
C LYS B 169 6.30 -32.97 -30.90
N VAL B 170 6.40 -31.81 -31.56
CA VAL B 170 5.22 -31.17 -32.06
C VAL B 170 5.08 -31.38 -33.56
N PHE B 171 6.17 -31.24 -34.30
CA PHE B 171 6.05 -31.49 -35.74
C PHE B 171 7.30 -32.10 -36.36
N GLY B 172 8.16 -32.68 -35.51
CA GLY B 172 9.40 -33.33 -35.99
C GLY B 172 9.26 -34.86 -35.87
N SER B 173 10.39 -35.53 -35.70
CA SER B 173 10.47 -36.97 -35.73
C SER B 173 9.76 -37.64 -34.56
N LEU B 174 9.83 -37.05 -33.36
CA LEU B 174 9.05 -37.62 -32.24
C LEU B 174 7.53 -37.56 -32.46
N TYR B 175 7.05 -36.45 -33.04
CA TYR B 175 5.65 -36.36 -33.43
C TYR B 175 5.25 -37.39 -34.48
N GLN B 176 6.07 -37.52 -35.53
CA GLN B 176 5.78 -38.47 -36.61
C GLN B 176 5.79 -39.91 -36.10
N ALA B 177 6.54 -40.19 -35.02
CA ALA B 177 6.68 -41.55 -34.48
C ALA B 177 5.45 -41.98 -33.68
N THR B 178 4.68 -41.03 -33.15
CA THR B 178 3.49 -41.37 -32.35
C THR B 178 2.23 -41.33 -33.22
N ASN B 179 1.11 -41.64 -32.60
CA ASN B 179 -0.16 -41.78 -33.32
C ASN B 179 -1.22 -40.72 -32.95
N TRP B 180 -0.91 -39.81 -31.99
CA TRP B 180 -1.84 -38.70 -31.66
C TRP B 180 -1.55 -37.35 -32.36
N ARG B 181 -2.39 -37.04 -33.35
CA ARG B 181 -2.29 -35.84 -34.22
C ARG B 181 -3.20 -34.68 -33.86
N PHE B 182 -2.79 -33.47 -34.29
CA PHE B 182 -3.66 -32.30 -34.34
C PHE B 182 -4.43 -32.43 -35.61
N SER B 183 -5.59 -31.79 -35.67
CA SER B 183 -6.34 -31.82 -36.93
C SER B 183 -5.78 -30.73 -37.85
N ASN B 184 -6.24 -30.71 -39.09
CA ASN B 184 -5.78 -29.67 -40.01
C ASN B 184 -6.65 -28.39 -39.95
N THR B 185 -7.49 -28.30 -38.92
CA THR B 185 -8.34 -27.05 -38.83
C THR B 185 -7.45 -25.83 -38.66
N SER B 186 -6.48 -25.92 -37.74
CA SER B 186 -5.68 -24.74 -37.39
C SER B 186 -4.20 -25.00 -37.61
N VAL B 187 -3.81 -26.27 -37.82
CA VAL B 187 -2.40 -26.67 -37.82
C VAL B 187 -1.94 -27.04 -39.27
N LYS B 188 -0.83 -26.45 -39.69
CA LYS B 188 -0.23 -26.75 -40.98
C LYS B 188 0.59 -28.03 -40.99
N VAL B 189 0.67 -28.63 -42.16
CA VAL B 189 1.68 -29.69 -42.44
C VAL B 189 3.07 -29.03 -42.42
N MET B 190 4.01 -29.58 -41.66
CA MET B 190 5.32 -28.93 -41.55
C MET B 190 6.41 -29.87 -42.07
N ASP B 191 7.58 -29.32 -42.41
CA ASP B 191 8.73 -30.11 -42.76
C ASP B 191 9.32 -30.78 -41.48
N VAL B 192 9.55 -32.10 -41.54
CA VAL B 192 10.13 -32.83 -40.40
C VAL B 192 11.51 -32.28 -39.93
N ASP B 193 12.39 -31.93 -40.88
CA ASP B 193 13.70 -31.34 -40.55
C ASP B 193 13.58 -29.98 -39.86
N ALA B 194 12.61 -29.17 -40.27
CA ALA B 194 12.34 -27.97 -39.48
C ALA B 194 11.83 -28.37 -38.04
N GLY B 195 11.04 -29.44 -37.94
CA GLY B 195 10.60 -29.92 -36.60
C GLY B 195 11.80 -30.28 -35.75
N ASP B 196 12.84 -30.85 -36.37
CA ASP B 196 13.98 -31.42 -35.57
C ASP B 196 15.15 -30.44 -35.29
N ARG B 197 15.16 -29.30 -35.97
CA ARG B 197 16.22 -28.31 -35.81
C ARG B 197 16.33 -27.77 -34.38
N GLU B 198 17.53 -27.73 -33.81
CA GLU B 198 17.70 -27.34 -32.41
C GLU B 198 18.23 -25.95 -32.28
N THR B 199 17.84 -25.30 -31.20
CA THR B 199 18.43 -24.02 -30.85
C THR B 199 18.80 -24.15 -29.37
N VAL B 200 19.60 -23.21 -28.84
CA VAL B 200 19.93 -23.17 -27.42
C VAL B 200 19.51 -21.86 -26.80
N HIS B 201 18.87 -21.90 -25.61
CA HIS B 201 18.53 -20.73 -24.85
C HIS B 201 19.05 -20.96 -23.40
N PRO B 202 19.32 -19.87 -22.67
CA PRO B 202 19.59 -19.88 -21.24
C PRO B 202 18.40 -20.46 -20.50
N LEU B 203 18.72 -21.17 -19.43
CA LEU B 203 17.73 -21.70 -18.51
C LEU B 203 17.15 -20.57 -17.66
N VAL B 204 17.91 -19.49 -17.51
CA VAL B 204 17.39 -18.36 -16.71
C VAL B 204 17.60 -17.07 -17.55
N VAL B 205 16.54 -16.35 -17.87
CA VAL B 205 16.64 -15.19 -18.78
C VAL B 205 16.37 -13.88 -18.03
N THR B 206 16.81 -12.77 -18.61
CA THR B 206 16.48 -11.44 -18.10
C THR B 206 15.57 -10.81 -19.13
N HIS B 207 14.44 -10.33 -18.67
CA HIS B 207 13.47 -9.71 -19.52
C HIS B 207 14.04 -8.39 -20.10
N PRO B 208 13.89 -8.17 -21.43
CA PRO B 208 14.68 -7.06 -22.00
C PRO B 208 14.11 -5.70 -21.69
N VAL B 209 12.93 -5.66 -21.09
CA VAL B 209 12.36 -4.43 -20.69
C VAL B 209 12.34 -4.31 -19.20
N THR B 210 11.81 -5.29 -18.45
CA THR B 210 11.72 -5.03 -17.05
C THR B 210 13.09 -5.24 -16.31
N GLY B 211 14.06 -5.94 -16.95
CA GLY B 211 15.29 -6.41 -16.30
C GLY B 211 15.07 -7.52 -15.25
N ARG B 212 13.85 -8.01 -15.08
CA ARG B 212 13.65 -9.01 -14.04
C ARG B 212 14.01 -10.37 -14.61
N ARG B 213 14.42 -11.30 -13.74
CA ARG B 213 14.81 -12.63 -14.22
C ARG B 213 13.69 -13.64 -14.19
N ALA B 214 13.70 -14.53 -15.17
CA ALA B 214 12.68 -15.58 -15.20
C ALA B 214 13.23 -16.95 -15.51
N LEU B 215 12.61 -17.99 -14.93
CA LEU B 215 12.97 -19.35 -15.31
C LEU B 215 12.52 -19.54 -16.76
N TYR B 216 13.29 -20.26 -17.60
CA TYR B 216 12.94 -20.39 -18.96
C TYR B 216 13.11 -21.87 -19.38
N CYS B 217 12.10 -22.69 -19.15
CA CYS B 217 12.13 -24.10 -19.68
C CYS B 217 10.68 -24.52 -19.82
N ASN B 218 10.38 -25.39 -20.76
CA ASN B 218 9.03 -25.91 -20.88
C ASN B 218 9.09 -27.27 -21.50
N GLN B 219 8.19 -28.14 -21.11
CA GLN B 219 8.32 -29.56 -21.42
C GLN B 219 7.95 -29.84 -22.85
N VAL B 220 7.26 -28.90 -23.49
CA VAL B 220 6.84 -29.13 -24.85
C VAL B 220 8.05 -29.05 -25.84
N TYR B 221 8.86 -27.98 -25.70
CA TYR B 221 10.02 -27.78 -26.59
C TYR B 221 11.41 -28.07 -26.03
N CYS B 222 11.60 -28.09 -24.70
CA CYS B 222 12.96 -28.36 -24.17
C CYS B 222 13.29 -29.82 -24.27
N GLN B 223 14.42 -30.10 -24.86
CA GLN B 223 14.86 -31.48 -25.06
C GLN B 223 15.77 -31.86 -23.90
N LYS B 224 16.80 -31.07 -23.63
CA LYS B 224 17.68 -31.37 -22.49
C LYS B 224 18.52 -30.20 -22.10
N ILE B 225 19.09 -30.28 -20.92
CA ILE B 225 20.06 -29.34 -20.46
C ILE B 225 21.33 -29.54 -21.29
N GLN B 226 21.84 -28.47 -21.90
CA GLN B 226 23.04 -28.65 -22.78
C GLN B 226 24.26 -29.16 -21.97
N GLY B 227 24.95 -30.19 -22.49
CA GLY B 227 26.20 -30.63 -21.87
C GLY B 227 25.89 -31.70 -20.81
N MET B 228 24.63 -31.83 -20.37
CA MET B 228 24.32 -32.92 -19.37
C MET B 228 23.99 -34.28 -20.00
N THR B 229 24.11 -35.36 -19.21
CA THR B 229 23.62 -36.64 -19.67
C THR B 229 22.06 -36.61 -19.68
N ASP B 230 21.46 -37.60 -20.34
CA ASP B 230 20.04 -37.63 -20.44
C ASP B 230 19.39 -37.79 -19.05
N ALA B 231 19.94 -38.69 -18.21
CA ALA B 231 19.39 -38.88 -16.84
C ALA B 231 19.59 -37.61 -15.94
N GLU B 232 20.74 -36.95 -16.05
CA GLU B 232 20.96 -35.71 -15.29
C GLU B 232 19.97 -34.61 -15.71
N SER B 233 19.81 -34.46 -17.02
CA SER B 233 18.94 -33.41 -17.56
C SER B 233 17.51 -33.69 -17.11
N LYS B 234 17.09 -34.93 -17.29
CA LYS B 234 15.66 -35.30 -16.91
C LYS B 234 15.40 -34.98 -15.47
N SER B 235 16.34 -35.33 -14.60
CA SER B 235 16.15 -35.14 -13.20
C SER B 235 15.96 -33.66 -12.85
N LEU B 236 16.81 -32.78 -13.41
CA LEU B 236 16.72 -31.39 -13.05
C LEU B 236 15.47 -30.73 -13.71
N LEU B 237 15.27 -30.96 -15.00
CA LEU B 237 14.12 -30.41 -15.69
C LEU B 237 12.81 -30.91 -15.09
N GLN B 238 12.71 -32.17 -14.67
CA GLN B 238 11.47 -32.59 -13.98
C GLN B 238 11.22 -31.85 -12.72
N PHE B 239 12.24 -31.68 -11.87
CA PHE B 239 12.04 -30.84 -10.70
C PHE B 239 11.57 -29.40 -11.07
N LEU B 240 12.17 -28.78 -12.09
CA LEU B 240 11.82 -27.39 -12.40
C LEU B 240 10.37 -27.30 -12.95
N TYR B 241 9.94 -28.28 -13.75
CA TYR B 241 8.56 -28.29 -14.23
C TYR B 241 7.59 -28.43 -13.04
N GLU B 242 7.86 -29.36 -12.10
CA GLU B 242 6.95 -29.59 -10.94
C GLU B 242 6.93 -28.31 -10.10
N HIS B 243 8.09 -27.68 -9.97
CA HIS B 243 8.18 -26.43 -9.17
C HIS B 243 7.38 -25.28 -9.82
N ALA B 244 7.65 -25.02 -11.11
CA ALA B 244 6.98 -23.93 -11.80
C ALA B 244 5.45 -24.08 -11.93
N THR B 245 4.93 -25.32 -12.02
CA THR B 245 3.49 -25.49 -12.31
C THR B 245 2.63 -25.76 -11.05
N LYS B 246 3.16 -25.52 -9.85
CA LYS B 246 2.37 -25.56 -8.63
C LYS B 246 1.15 -24.64 -8.79
N PHE B 247 0.01 -25.03 -8.21
CA PHE B 247 -1.25 -24.35 -8.45
C PHE B 247 -1.16 -22.89 -8.00
N ASP B 248 -0.38 -22.67 -6.94
CA ASP B 248 -0.15 -21.32 -6.38
C ASP B 248 0.44 -20.32 -7.31
N PHE B 249 1.17 -20.78 -8.33
CA PHE B 249 1.75 -19.84 -9.27
C PHE B 249 0.88 -19.57 -10.50
N THR B 250 -0.36 -20.11 -10.53
CA THR B 250 -1.14 -20.03 -11.78
C THR B 250 -2.27 -19.04 -11.65
N CYS B 251 -2.90 -18.68 -12.77
CA CYS B 251 -4.17 -18.00 -12.71
C CYS B 251 -4.95 -18.68 -13.85
N ARG B 252 -6.22 -18.39 -13.94
CA ARG B 252 -7.00 -19.06 -14.94
C ARG B 252 -7.89 -18.04 -15.56
N VAL B 253 -7.85 -17.95 -16.90
CA VAL B 253 -8.67 -16.92 -17.58
C VAL B 253 -9.83 -17.59 -18.29
N ARG B 254 -11.01 -17.10 -18.06
CA ARG B 254 -12.18 -17.57 -18.72
C ARG B 254 -12.47 -16.67 -19.92
N TRP B 255 -12.88 -17.20 -21.06
CA TRP B 255 -13.09 -16.37 -22.20
C TRP B 255 -14.56 -16.03 -22.42
N LYS B 256 -14.80 -14.86 -23.03
CA LYS B 256 -16.15 -14.46 -23.50
C LYS B 256 -15.91 -13.85 -24.84
N LYS B 257 -16.95 -13.83 -25.70
CA LYS B 257 -16.83 -13.23 -27.01
C LYS B 257 -16.19 -11.85 -26.89
N ASP B 258 -15.24 -11.57 -27.80
CA ASP B 258 -14.59 -10.26 -27.93
C ASP B 258 -13.73 -9.82 -26.75
N GLN B 259 -13.36 -10.78 -25.93
CA GLN B 259 -12.34 -10.53 -24.97
C GLN B 259 -10.99 -10.54 -25.70
N VAL B 260 -10.14 -9.54 -25.44
CA VAL B 260 -8.82 -9.47 -26.10
C VAL B 260 -7.79 -9.56 -24.96
N LEU B 261 -6.77 -10.39 -25.12
CA LEU B 261 -5.83 -10.72 -24.03
C LEU B 261 -4.38 -10.65 -24.55
N VAL B 262 -3.44 -10.19 -23.74
CA VAL B 262 -2.07 -10.15 -24.18
C VAL B 262 -1.26 -10.88 -23.12
N TRP B 263 -0.41 -11.79 -23.54
CA TRP B 263 0.47 -12.43 -22.60
C TRP B 263 1.94 -12.18 -22.98
N ASP B 264 2.76 -12.13 -21.96
CA ASP B 264 4.20 -12.00 -22.21
C ASP B 264 4.77 -13.41 -22.43
N ASN B 265 5.28 -13.66 -23.62
CA ASN B 265 5.74 -15.03 -24.00
C ASN B 265 7.12 -15.36 -23.46
N LEU B 266 7.78 -14.40 -22.82
CA LEU B 266 9.09 -14.70 -22.20
C LEU B 266 8.97 -15.11 -20.71
N CYS B 267 8.12 -14.43 -19.94
CA CYS B 267 8.08 -14.67 -18.50
C CYS B 267 6.85 -15.40 -17.92
N THR B 268 6.02 -15.99 -18.80
CA THR B 268 4.83 -16.79 -18.42
C THR B 268 4.88 -18.07 -19.20
N MET B 269 4.07 -19.03 -18.73
CA MET B 269 3.71 -20.19 -19.50
C MET B 269 2.21 -20.24 -19.46
N HIS B 270 1.62 -20.98 -20.40
CA HIS B 270 0.18 -21.06 -20.49
C HIS B 270 -0.18 -22.46 -20.94
N ARG B 271 -1.45 -22.81 -20.81
CA ARG B 271 -1.91 -24.08 -21.39
C ARG B 271 -3.40 -24.05 -21.66
N ALA B 272 -3.82 -24.82 -22.65
CA ALA B 272 -5.22 -24.88 -22.99
C ALA B 272 -5.84 -25.87 -22.00
N VAL B 273 -7.12 -25.73 -21.73
CA VAL B 273 -7.86 -26.70 -20.87
C VAL B 273 -8.84 -27.43 -21.84
N PRO B 274 -8.72 -28.74 -21.99
CA PRO B 274 -9.56 -29.39 -23.03
C PRO B 274 -10.95 -29.86 -22.47
N ASP B 275 -11.70 -29.01 -21.78
CA ASP B 275 -12.94 -29.49 -21.09
C ASP B 275 -14.21 -29.05 -21.85
N TYR B 276 -14.17 -29.06 -23.20
CA TYR B 276 -15.29 -28.59 -23.98
C TYR B 276 -15.47 -29.47 -25.23
N ALA B 277 -15.03 -30.71 -25.17
CA ALA B 277 -15.18 -31.60 -26.34
C ALA B 277 -16.64 -31.54 -26.80
N GLY B 278 -16.84 -31.47 -28.11
CA GLY B 278 -18.20 -31.38 -28.68
C GLY B 278 -18.72 -29.96 -28.78
N LYS B 279 -17.91 -28.96 -28.38
CA LYS B 279 -18.40 -27.59 -28.52
C LYS B 279 -17.44 -26.74 -29.39
N PHE B 280 -17.97 -25.87 -30.24
CA PHE B 280 -17.14 -25.11 -31.17
C PHE B 280 -16.34 -24.07 -30.35
N ARG B 281 -15.08 -23.87 -30.71
CA ARG B 281 -14.30 -22.80 -30.11
C ARG B 281 -13.35 -22.13 -31.13
N TYR B 282 -13.32 -20.82 -31.14
CA TYR B 282 -12.52 -20.15 -32.15
C TYR B 282 -11.98 -18.84 -31.57
N LEU B 283 -10.63 -18.74 -31.49
CA LEU B 283 -9.98 -17.49 -31.15
C LEU B 283 -9.00 -17.15 -32.28
N THR B 284 -8.71 -15.85 -32.45
CA THR B 284 -7.67 -15.47 -33.39
C THR B 284 -6.49 -14.90 -32.57
N ARG B 285 -5.28 -14.85 -33.16
CA ARG B 285 -4.14 -14.28 -32.40
C ARG B 285 -3.15 -13.71 -33.37
N THR B 286 -2.48 -12.63 -32.95
CA THR B 286 -1.38 -12.11 -33.72
C THR B 286 -0.18 -12.17 -32.75
N THR B 287 1.00 -12.48 -33.25
CA THR B 287 2.12 -12.69 -32.38
C THR B 287 3.12 -11.54 -32.56
N VAL B 288 3.72 -11.16 -31.45
CA VAL B 288 4.66 -10.10 -31.43
C VAL B 288 6.06 -10.65 -31.32
N ALA B 289 6.90 -10.29 -32.28
CA ALA B 289 8.27 -10.86 -32.41
C ALA B 289 9.13 -10.48 -31.22
N GLY B 290 10.09 -11.32 -30.88
CA GLY B 290 11.00 -10.99 -29.77
C GLY B 290 12.46 -11.04 -30.26
N ASP B 291 13.38 -10.66 -29.40
CA ASP B 291 14.78 -10.90 -29.66
C ASP B 291 15.27 -12.14 -28.95
N LYS B 292 16.47 -12.54 -29.31
CA LYS B 292 17.06 -13.74 -28.78
C LYS B 292 17.04 -13.75 -27.23
N PRO B 293 16.44 -14.77 -26.59
CA PRO B 293 16.44 -14.77 -25.11
C PRO B 293 17.90 -14.71 -24.60
N SER B 294 18.12 -13.92 -23.56
CA SER B 294 19.49 -13.80 -23.02
C SER B 294 19.58 -13.65 -21.54
N ARG B 295 20.75 -14.03 -21.04
CA ARG B 295 21.02 -13.95 -19.64
C ARG B 295 20.98 -12.46 -19.26
N ASN C 10 -6.43 1.52 8.55
CA ASN C 10 -6.18 0.79 7.23
C ASN C 10 -6.20 -0.74 7.45
N LYS C 11 -5.15 -1.22 8.12
CA LYS C 11 -5.22 -2.54 8.70
C LYS C 11 -5.95 -2.47 10.09
N TYR C 12 -6.40 -1.30 10.54
CA TYR C 12 -6.94 -1.20 11.89
C TYR C 12 -8.40 -1.52 11.85
N ARG C 13 -8.84 -2.45 12.66
CA ARG C 13 -10.26 -2.73 12.55
C ARG C 13 -11.10 -2.46 13.79
N PHE C 14 -10.47 -2.10 14.93
CA PHE C 14 -11.20 -1.72 16.14
C PHE C 14 -11.13 -0.20 16.47
N ILE C 15 -10.27 0.52 15.76
CA ILE C 15 -10.15 1.98 15.94
C ILE C 15 -10.02 2.56 14.56
N ASP C 16 -10.26 3.85 14.41
CA ASP C 16 -10.11 4.52 13.15
C ASP C 16 -8.89 5.44 13.30
N VAL C 17 -7.90 5.23 12.44
CA VAL C 17 -6.69 6.02 12.51
C VAL C 17 -6.44 6.86 11.28
N GLN C 18 -6.30 8.17 11.51
CA GLN C 18 -6.08 9.14 10.42
C GLN C 18 -4.68 9.77 10.61
N PRO C 19 -3.69 9.26 9.89
CA PRO C 19 -2.35 9.85 10.09
C PRO C 19 -2.33 11.32 9.76
N LEU C 20 -1.47 12.04 10.45
CA LEU C 20 -1.46 13.54 10.40
C LEU C 20 -0.56 14.07 9.31
N THR C 21 0.64 13.49 9.14
CA THR C 21 1.58 13.81 8.07
C THR C 21 2.17 12.46 7.59
N GLY C 22 3.04 12.49 6.58
CA GLY C 22 3.76 11.23 6.13
C GLY C 22 4.98 10.93 7.04
N VAL C 23 5.18 11.71 8.11
CA VAL C 23 6.36 11.48 8.92
C VAL C 23 5.93 10.91 10.31
N LEU C 24 5.02 11.59 11.00
CA LEU C 24 4.55 11.12 12.31
C LEU C 24 3.18 11.70 12.66
N GLY C 25 2.54 11.14 13.68
CA GLY C 25 1.31 11.75 14.18
C GLY C 25 0.08 11.09 13.57
N ALA C 26 -0.93 10.81 14.42
CA ALA C 26 -2.18 10.28 13.92
C ALA C 26 -3.29 10.60 14.88
N GLU C 27 -4.44 10.96 14.32
CA GLU C 27 -5.67 11.04 15.08
C GLU C 27 -6.34 9.69 15.21
N ILE C 28 -6.91 9.43 16.36
CA ILE C 28 -7.58 8.14 16.60
C ILE C 28 -8.98 8.44 17.04
N THR C 29 -9.94 7.85 16.33
CA THR C 29 -11.39 7.99 16.73
C THR C 29 -12.06 6.62 16.78
N GLY C 30 -13.35 6.61 17.07
CA GLY C 30 -14.08 5.35 17.07
C GLY C 30 -13.86 4.67 18.41
N VAL C 31 -13.39 5.39 19.45
CA VAL C 31 -13.14 4.76 20.72
C VAL C 31 -13.57 5.64 21.89
N ASP C 32 -14.10 5.08 22.97
CA ASP C 32 -14.50 5.94 24.13
C ASP C 32 -13.60 5.57 25.33
N LEU C 33 -12.69 6.49 25.63
CA LEU C 33 -11.69 6.28 26.65
C LEU C 33 -12.34 6.36 28.01
N ARG C 34 -13.60 6.78 28.13
CA ARG C 34 -14.23 6.66 29.45
C ARG C 34 -14.59 5.21 29.79
N GLU C 35 -14.57 4.29 28.82
CA GLU C 35 -14.91 2.87 28.99
C GLU C 35 -13.63 1.98 28.96
N PRO C 36 -13.67 0.84 29.63
CA PRO C 36 -12.44 0.03 29.53
C PRO C 36 -12.21 -0.39 28.06
N LEU C 37 -10.99 -0.68 27.71
CA LEU C 37 -10.70 -1.09 26.35
C LEU C 37 -10.53 -2.60 26.31
N ASP C 38 -11.18 -3.30 25.37
CA ASP C 38 -10.89 -4.73 25.25
C ASP C 38 -9.48 -4.92 24.68
N ASP C 39 -8.92 -6.12 24.83
CA ASP C 39 -7.58 -6.42 24.35
C ASP C 39 -7.38 -6.04 22.89
N SER C 40 -8.35 -6.36 22.04
CA SER C 40 -8.21 -6.08 20.65
C SER C 40 -8.03 -4.57 20.43
N THR C 41 -8.80 -3.78 21.15
CA THR C 41 -8.80 -2.34 20.93
C THR C 41 -7.48 -1.78 21.48
N TRP C 42 -7.09 -2.25 22.67
CA TRP C 42 -5.84 -1.78 23.29
C TRP C 42 -4.62 -2.12 22.39
N ASN C 43 -4.59 -3.36 21.85
CA ASN C 43 -3.46 -3.81 20.98
C ASN C 43 -3.31 -2.91 19.75
N GLU C 44 -4.43 -2.47 19.18
CA GLU C 44 -4.41 -1.53 18.06
C GLU C 44 -3.90 -0.12 18.47
N ILE C 45 -4.42 0.37 19.59
CA ILE C 45 -3.96 1.65 20.09
C ILE C 45 -2.44 1.64 20.32
N LEU C 46 -1.91 0.63 21.01
CA LEU C 46 -0.52 0.51 21.25
C LEU C 46 0.23 0.41 19.97
N ASP C 47 -0.32 -0.35 19.01
CA ASP C 47 0.34 -0.46 17.72
C ASP C 47 0.43 0.92 17.03
N ALA C 48 -0.67 1.67 17.07
CA ALA C 48 -0.71 2.98 16.42
C ALA C 48 0.32 3.92 17.16
N PHE C 49 0.40 3.79 18.49
CA PHE C 49 1.37 4.55 19.26
C PHE C 49 2.81 4.30 18.83
N HIS C 50 3.13 3.03 18.65
CA HIS C 50 4.45 2.65 18.15
C HIS C 50 4.73 3.03 16.69
N THR C 51 3.74 3.01 15.82
CA THR C 51 3.92 3.33 14.41
C THR C 51 3.98 4.85 14.24
N TYR C 52 3.10 5.57 14.92
CA TYR C 52 2.94 6.99 14.59
C TYR C 52 3.59 7.92 15.60
N GLN C 53 3.99 7.41 16.79
CA GLN C 53 4.85 8.10 17.76
C GLN C 53 4.14 9.16 18.55
N VAL C 54 3.15 9.81 17.92
CA VAL C 54 2.30 10.73 18.67
C VAL C 54 0.92 10.51 18.22
N ILE C 55 -0.01 10.22 19.17
CA ILE C 55 -1.35 9.96 18.78
C ILE C 55 -2.26 10.79 19.66
N TYR C 56 -3.44 11.13 19.15
CA TYR C 56 -4.36 11.98 19.91
C TYR C 56 -5.80 11.59 19.55
N PHE C 57 -6.69 11.74 20.55
CA PHE C 57 -8.05 11.25 20.56
C PHE C 57 -8.86 12.50 20.86
N PRO C 58 -9.43 13.14 19.84
CA PRO C 58 -10.38 14.30 20.09
C PRO C 58 -11.60 13.83 20.92
N GLY C 59 -12.16 14.73 21.70
CA GLY C 59 -13.53 14.54 22.25
C GLY C 59 -13.60 13.50 23.38
N GLN C 60 -12.61 13.44 24.28
CA GLN C 60 -12.64 12.39 25.31
C GLN C 60 -12.84 13.04 26.69
N ALA C 61 -14.09 13.17 27.12
CA ALA C 61 -14.36 13.86 28.39
C ALA C 61 -14.10 12.93 29.61
N ILE C 62 -12.85 12.66 29.91
CA ILE C 62 -12.52 11.67 30.94
C ILE C 62 -12.29 12.34 32.32
N THR C 63 -12.43 11.56 33.40
CA THR C 63 -12.16 12.11 34.74
C THR C 63 -10.64 12.06 34.92
N ASN C 64 -10.09 12.75 35.92
CA ASN C 64 -8.69 12.55 36.26
C ASN C 64 -8.26 11.09 36.54
N GLU C 65 -9.09 10.33 37.27
CA GLU C 65 -8.82 8.91 37.52
C GLU C 65 -8.78 8.11 36.22
N GLN C 66 -9.68 8.36 35.26
CA GLN C 66 -9.64 7.62 33.99
C GLN C 66 -8.36 8.05 33.23
N HIS C 67 -7.95 9.33 33.40
CA HIS C 67 -6.66 9.78 32.77
C HIS C 67 -5.46 8.96 33.33
N ILE C 68 -5.46 8.82 34.64
CA ILE C 68 -4.41 8.00 35.30
C ILE C 68 -4.43 6.55 34.84
N ALA C 69 -5.63 5.96 34.86
CA ALA C 69 -5.78 4.55 34.49
C ALA C 69 -5.34 4.30 33.02
N PHE C 70 -5.77 5.18 32.10
CA PHE C 70 -5.40 5.03 30.71
C PHE C 70 -3.87 5.17 30.56
N SER C 71 -3.28 6.13 31.25
CA SER C 71 -1.81 6.37 31.20
C SER C 71 -1.08 5.12 31.67
N ARG C 72 -1.60 4.52 32.77
CA ARG C 72 -1.05 3.28 33.32
C ARG C 72 -1.01 2.08 32.34
N ARG C 73 -1.88 2.05 31.33
CA ARG C 73 -1.83 1.00 30.29
C ARG C 73 -0.53 1.07 29.54
N PHE C 74 0.10 2.26 29.52
CA PHE C 74 1.38 2.40 28.77
C PHE C 74 2.62 1.98 29.56
N GLY C 75 2.53 1.98 30.87
CA GLY C 75 3.69 1.67 31.74
C GLY C 75 3.47 2.37 33.09
N PRO C 76 4.33 2.12 34.08
CA PRO C 76 4.19 2.72 35.41
C PRO C 76 4.10 4.26 35.29
N VAL C 77 3.34 4.95 36.15
CA VAL C 77 3.24 6.43 36.02
C VAL C 77 4.05 7.04 37.14
N ASP C 78 4.71 8.17 36.83
CA ASP C 78 5.65 8.82 37.75
C ASP C 78 5.81 10.28 37.32
N PRO C 79 5.41 11.25 38.16
CA PRO C 79 5.51 12.66 37.71
C PRO C 79 6.92 13.16 37.37
N VAL C 80 7.05 14.19 36.57
CA VAL C 80 8.36 14.76 36.30
C VAL C 80 8.70 15.71 37.46
N PRO C 81 10.02 15.92 37.70
CA PRO C 81 10.34 16.71 38.90
C PRO C 81 9.79 18.17 38.93
N ILE C 82 9.72 18.88 37.80
CA ILE C 82 9.59 20.34 37.87
C ILE C 82 8.12 20.85 38.04
N LEU C 83 7.13 20.05 37.66
CA LEU C 83 5.71 20.59 37.52
C LEU C 83 4.86 20.37 38.81
N LYS C 84 4.02 21.37 39.17
CA LYS C 84 3.00 21.21 40.21
C LYS C 84 1.91 20.23 39.79
N SER C 85 1.30 19.52 40.75
CA SER C 85 0.23 18.60 40.42
C SER C 85 -1.09 19.18 40.98
N ILE C 86 -2.24 18.72 40.48
CA ILE C 86 -3.56 19.15 40.95
C ILE C 86 -3.77 18.62 42.37
N GLU C 87 -4.54 19.34 43.18
CA GLU C 87 -4.77 18.80 44.56
C GLU C 87 -5.49 17.45 44.53
N GLY C 88 -4.95 16.44 45.18
CA GLY C 88 -5.66 15.17 45.33
C GLY C 88 -5.14 14.21 44.29
N TYR C 89 -4.31 14.71 43.34
CA TYR C 89 -3.71 13.82 42.33
C TYR C 89 -2.23 14.11 42.01
N PRO C 90 -1.31 13.57 42.82
CA PRO C 90 0.15 13.81 42.62
C PRO C 90 0.61 13.39 41.25
N GLU C 91 -0.06 12.43 40.62
CA GLU C 91 0.36 11.95 39.28
C GLU C 91 -0.16 12.84 38.16
N VAL C 92 -1.04 13.78 38.45
CA VAL C 92 -1.66 14.57 37.34
C VAL C 92 -1.06 15.98 37.48
N GLN C 93 -0.15 16.35 36.54
CA GLN C 93 0.57 17.60 36.68
C GLN C 93 -0.05 18.63 35.71
N MET C 94 0.25 19.91 35.90
CA MET C 94 -0.42 20.99 35.17
CA MET C 94 -0.42 20.95 35.13
C MET C 94 0.52 21.68 34.17
N ILE C 95 0.00 21.99 33.00
CA ILE C 95 0.66 22.93 32.10
C ILE C 95 -0.36 24.08 32.01
N ARG C 96 -0.20 25.06 32.89
CA ARG C 96 -1.26 26.01 33.10
C ARG C 96 -0.63 27.39 33.02
N ARG C 97 -1.26 28.26 32.23
CA ARG C 97 -0.74 29.64 32.05
C ARG C 97 -1.93 30.62 32.18
N GLU C 98 -1.87 31.48 33.20
CA GLU C 98 -2.93 32.45 33.46
C GLU C 98 -2.86 33.49 32.29
N ALA C 99 -3.97 34.14 31.89
CA ALA C 99 -3.95 35.00 30.69
C ALA C 99 -2.89 36.14 30.81
N ASN C 100 -2.75 36.71 31.99
CA ASN C 100 -1.89 37.89 32.15
C ASN C 100 -0.45 37.59 32.55
N GLU C 101 -0.03 36.31 32.49
CA GLU C 101 1.39 36.04 32.73
C GLU C 101 2.31 36.72 31.71
N SER C 102 3.51 37.10 32.16
CA SER C 102 4.52 37.74 31.29
CA SER C 102 4.51 37.72 31.26
C SER C 102 5.81 36.94 31.36
N SER C 103 5.73 35.79 32.00
CA SER C 103 6.92 34.99 32.25
C SER C 103 7.24 34.12 31.05
N ARG C 104 8.32 33.35 31.16
CA ARG C 104 8.68 32.45 30.08
C ARG C 104 7.58 31.40 29.84
N PHE C 105 7.35 31.03 28.58
CA PHE C 105 6.38 29.95 28.25
C PHE C 105 7.07 28.60 28.50
N ILE C 106 6.41 27.70 29.23
CA ILE C 106 7.02 26.41 29.51
C ILE C 106 7.25 25.59 28.23
N GLY C 107 8.45 25.03 28.08
CA GLY C 107 8.68 24.11 26.96
C GLY C 107 8.75 24.79 25.59
N ASP C 108 9.13 26.04 25.56
CA ASP C 108 9.10 26.77 24.24
C ASP C 108 10.40 26.63 23.37
N ASP C 109 11.12 25.54 23.52
CA ASP C 109 12.23 25.16 22.61
C ASP C 109 12.02 23.69 22.33
N TRP C 110 12.54 23.17 21.21
CA TRP C 110 12.51 21.73 20.94
C TRP C 110 13.20 20.94 22.07
N HIS C 111 12.51 19.97 22.69
CA HIS C 111 13.19 19.14 23.71
C HIS C 111 12.44 17.82 23.80
N THR C 112 12.95 16.91 24.61
CA THR C 112 12.05 15.90 25.13
C THR C 112 12.17 15.89 26.62
N ASP C 113 11.19 15.40 27.34
CA ASP C 113 11.10 15.69 28.75
C ASP C 113 12.12 15.06 29.66
N SER C 114 12.55 15.87 30.61
CA SER C 114 13.28 15.46 31.83
C SER C 114 14.48 14.51 31.52
N THR C 115 15.29 14.86 30.49
CA THR C 115 16.36 13.97 30.04
C THR C 115 17.60 14.04 30.97
N PHE C 116 17.60 15.00 31.90
CA PHE C 116 18.63 15.03 32.95
C PHE C 116 18.48 13.88 33.92
N LEU C 117 17.35 13.17 33.89
CA LEU C 117 17.13 11.97 34.75
C LEU C 117 17.94 10.79 34.25
N ASP C 118 18.44 9.96 35.17
CA ASP C 118 19.10 8.69 34.69
C ASP C 118 18.10 7.88 33.87
N ALA C 119 16.83 7.97 34.23
CA ALA C 119 15.80 7.24 33.43
C ALA C 119 14.68 8.19 33.14
N PRO C 120 14.77 8.91 32.00
CA PRO C 120 13.71 9.81 31.62
C PRO C 120 12.36 9.13 31.36
N PRO C 121 11.26 9.93 31.26
CA PRO C 121 9.95 9.27 30.98
C PRO C 121 9.97 8.54 29.68
N ALA C 122 9.18 7.45 29.56
CA ALA C 122 8.94 6.82 28.25
C ALA C 122 7.90 7.54 27.41
N ALA C 123 6.92 8.18 28.07
CA ALA C 123 5.82 8.71 27.34
C ALA C 123 5.09 9.67 28.21
N VAL C 124 4.31 10.55 27.57
CA VAL C 124 3.43 11.36 28.36
C VAL C 124 2.04 11.46 27.79
N VAL C 125 1.06 11.57 28.71
CA VAL C 125 -0.33 11.62 28.24
C VAL C 125 -0.95 12.96 28.72
N MET C 126 -1.19 13.86 27.74
CA MET C 126 -1.57 15.23 27.98
C MET C 126 -3.03 15.39 27.60
N ARG C 127 -3.78 16.19 28.38
CA ARG C 127 -5.21 16.28 28.11
C ARG C 127 -5.58 17.78 28.20
N ALA C 128 -6.27 18.31 27.19
CA ALA C 128 -6.72 19.70 27.18
C ALA C 128 -7.90 19.92 28.14
N ILE C 129 -7.75 20.81 29.12
CA ILE C 129 -8.87 21.15 30.02
C ILE C 129 -9.59 22.35 29.42
N GLU C 130 -8.88 23.49 29.28
CA GLU C 130 -9.44 24.66 28.62
C GLU C 130 -8.35 25.30 27.79
N VAL C 131 -8.57 25.52 26.50
CA VAL C 131 -7.50 26.10 25.74
C VAL C 131 -8.09 27.19 24.81
N PRO C 132 -7.23 28.04 24.22
CA PRO C 132 -7.72 29.13 23.39
C PRO C 132 -8.36 28.56 22.13
N GLU C 133 -9.28 29.34 21.57
CA GLU C 133 -9.90 28.97 20.30
C GLU C 133 -8.80 28.81 19.22
N TYR C 134 -7.74 29.60 19.26
CA TYR C 134 -6.57 29.35 18.38
C TYR C 134 -5.35 29.90 19.10
N GLY C 135 -4.18 29.36 18.73
CA GLY C 135 -2.92 29.61 19.42
C GLY C 135 -2.62 28.52 20.47
N GLY C 136 -1.35 28.27 20.74
CA GLY C 136 -1.02 27.22 21.75
C GLY C 136 -0.91 25.78 21.17
N ASP C 137 -0.72 25.66 19.86
CA ASP C 137 -0.43 24.35 19.26
C ASP C 137 0.85 23.79 19.85
N THR C 138 1.07 22.48 19.70
CA THR C 138 2.34 21.87 20.13
C THR C 138 2.97 21.29 18.88
N GLY C 139 4.23 21.61 18.64
CA GLY C 139 4.97 20.92 17.57
C GLY C 139 5.57 19.62 18.10
N PHE C 140 5.66 18.65 17.20
CA PHE C 140 6.37 17.40 17.42
C PHE C 140 7.31 17.12 16.25
N LEU C 141 8.33 16.31 16.48
CA LEU C 141 9.13 15.84 15.34
C LEU C 141 9.64 14.46 15.65
N SER C 142 10.04 13.71 14.61
CA SER C 142 10.52 12.35 14.84
C SER C 142 12.02 12.27 14.89
N MET C 143 12.58 11.79 15.99
CA MET C 143 14.00 11.50 16.05
C MET C 143 14.41 10.14 15.35
N TYR C 144 13.44 9.25 15.08
CA TYR C 144 13.65 8.17 14.10
C TYR C 144 13.97 8.78 12.75
N SER C 145 13.14 9.68 12.25
CA SER C 145 13.42 10.36 11.00
C SER C 145 14.71 11.17 11.02
N ALA C 146 14.99 11.90 12.12
CA ALA C 146 16.29 12.64 12.16
C ALA C 146 17.51 11.66 12.00
N TRP C 147 17.46 10.51 12.65
CA TRP C 147 18.50 9.49 12.59
C TRP C 147 18.60 8.81 11.18
N GLU C 148 17.46 8.42 10.66
CA GLU C 148 17.41 7.74 9.36
C GLU C 148 17.87 8.54 8.16
N THR C 149 17.78 9.86 8.26
CA THR C 149 18.17 10.73 7.17
C THR C 149 19.62 11.21 7.33
N LEU C 150 20.32 10.80 8.41
CA LEU C 150 21.81 10.93 8.41
C LEU C 150 22.35 9.90 7.43
N SER C 151 23.38 10.28 6.66
CA SER C 151 24.08 9.25 5.79
C SER C 151 24.61 8.05 6.60
N PRO C 152 24.76 6.85 5.96
CA PRO C 152 25.43 5.73 6.68
C PRO C 152 26.78 6.17 7.28
N THR C 153 27.56 6.98 6.55
CA THR C 153 28.85 7.42 7.03
C THR C 153 28.72 8.28 8.28
N MET C 154 27.81 9.26 8.24
CA MET C 154 27.59 10.10 9.44
C MET C 154 27.08 9.26 10.65
N GLN C 155 26.17 8.34 10.39
CA GLN C 155 25.71 7.41 11.46
C GLN C 155 26.84 6.62 12.14
N ALA C 156 27.74 6.04 11.33
CA ALA C 156 28.88 5.29 11.85
C ALA C 156 29.79 6.20 12.68
N THR C 157 29.91 7.45 12.23
CA THR C 157 30.76 8.43 12.88
C THR C 157 30.25 8.74 14.30
N ILE C 158 28.92 8.86 14.48
CA ILE C 158 28.47 9.34 15.79
C ILE C 158 27.85 8.30 16.71
N GLU C 159 27.65 7.08 16.25
CA GLU C 159 26.83 6.14 16.97
C GLU C 159 27.47 5.70 18.31
N GLY C 160 28.82 5.81 18.44
CA GLY C 160 29.50 5.46 19.72
C GLY C 160 29.61 6.63 20.72
N LEU C 161 29.01 7.78 20.44
CA LEU C 161 29.18 8.93 21.35
C LEU C 161 28.07 8.97 22.42
N ASN C 162 28.39 9.53 23.58
CA ASN C 162 27.42 9.79 24.69
C ASN C 162 27.35 11.28 24.92
N VAL C 163 26.33 11.77 25.65
CA VAL C 163 26.13 13.17 25.83
C VAL C 163 25.83 13.39 27.31
N VAL C 164 26.37 14.48 27.84
CA VAL C 164 26.14 14.82 29.23
C VAL C 164 24.89 15.72 29.28
N HIS C 165 23.91 15.36 30.11
CA HIS C 165 22.64 16.09 30.29
C HIS C 165 22.53 16.64 31.70
N SER C 166 21.93 17.80 31.88
CA SER C 166 21.52 18.22 33.21
C SER C 166 20.47 19.30 33.05
N ALA C 167 19.82 19.65 34.18
CA ALA C 167 18.76 20.67 34.15
C ALA C 167 19.36 22.05 34.44
N THR C 168 20.66 22.23 34.19
CA THR C 168 21.26 23.51 34.70
C THR C 168 20.57 24.77 34.08
N LYS C 169 20.12 24.65 32.83
CA LYS C 169 19.50 25.84 32.18
C LYS C 169 18.05 26.05 32.57
N VAL C 170 17.47 25.05 33.19
CA VAL C 170 16.06 25.08 33.52
C VAL C 170 15.84 25.39 34.99
N PHE C 171 16.58 24.72 35.88
CA PHE C 171 16.43 25.06 37.29
C PHE C 171 17.72 25.00 38.08
N GLY C 172 18.86 25.03 37.38
CA GLY C 172 20.17 24.96 38.04
C GLY C 172 20.86 26.35 37.97
N SER C 173 22.19 26.32 37.98
CA SER C 173 23.01 27.51 38.08
C SER C 173 22.90 28.42 36.85
N LEU C 174 22.83 27.86 35.63
CA LEU C 174 22.63 28.73 34.46
C LEU C 174 21.28 29.45 34.46
N TYR C 175 20.23 28.78 34.93
CA TYR C 175 18.92 29.44 35.12
C TYR C 175 18.99 30.55 36.17
N GLN C 176 19.61 30.27 37.31
CA GLN C 176 19.72 31.27 38.37
C GLN C 176 20.50 32.51 37.94
N ALA C 177 21.41 32.35 36.97
CA ALA C 177 22.26 33.43 36.46
C ALA C 177 21.48 34.38 35.54
N THR C 178 20.41 33.88 34.92
CA THR C 178 19.55 34.62 33.95
C THR C 178 18.49 35.44 34.62
N ASN C 179 17.92 36.33 33.82
CA ASN C 179 16.78 37.13 34.26
C ASN C 179 15.39 36.60 33.82
N TRP C 180 15.34 35.65 32.88
CA TRP C 180 14.05 35.12 32.35
C TRP C 180 13.50 33.90 33.14
N ARG C 181 12.46 34.11 33.97
CA ARG C 181 11.82 33.04 34.80
C ARG C 181 10.50 32.47 34.29
N PHE C 182 10.17 31.26 34.76
CA PHE C 182 8.83 30.69 34.67
C PHE C 182 8.06 31.26 35.83
N SER C 183 6.74 31.31 35.72
CA SER C 183 5.95 31.82 36.83
C SER C 183 5.76 30.62 37.75
N ASN C 184 5.17 30.85 38.90
CA ASN C 184 4.93 29.72 39.82
C ASN C 184 3.56 29.09 39.59
N THR C 185 2.90 29.40 38.47
CA THR C 185 1.55 28.77 38.24
C THR C 185 1.72 27.26 38.14
N SER C 186 2.71 26.82 37.37
CA SER C 186 2.85 25.38 37.08
C SER C 186 4.21 24.84 37.52
N VAL C 187 5.14 25.72 37.89
CA VAL C 187 6.54 25.34 38.04
C VAL C 187 6.96 25.49 39.52
N LYS C 188 7.54 24.42 40.05
CA LYS C 188 8.03 24.41 41.44
C LYS C 188 9.38 25.10 41.60
N VAL C 189 9.60 25.63 42.80
CA VAL C 189 10.95 26.01 43.25
C VAL C 189 11.75 24.71 43.41
N MET C 190 12.94 24.65 42.81
CA MET C 190 13.76 23.45 42.84
C MET C 190 15.09 23.72 43.55
N ASP C 191 15.77 22.67 44.00
CA ASP C 191 17.09 22.82 44.58
C ASP C 191 18.11 23.03 43.40
N VAL C 192 18.94 24.07 43.49
CA VAL C 192 19.96 24.35 42.45
C VAL C 192 20.94 23.16 42.15
N ASP C 193 21.38 22.45 43.21
CA ASP C 193 22.20 21.25 43.06
C ASP C 193 21.51 20.14 42.27
N ALA C 194 20.23 19.87 42.55
CA ALA C 194 19.48 18.96 41.66
C ALA C 194 19.42 19.54 40.20
N GLY C 195 19.32 20.87 40.04
CA GLY C 195 19.37 21.44 38.67
C GLY C 195 20.71 21.11 38.02
N ASP C 196 21.78 21.07 38.81
CA ASP C 196 23.13 20.94 38.20
C ASP C 196 23.64 19.51 38.06
N ARG C 197 22.99 18.54 38.69
CA ARG C 197 23.41 17.13 38.62
C ARG C 197 23.44 16.58 37.19
N GLU C 198 24.55 15.96 36.79
CA GLU C 198 24.64 15.46 35.39
C GLU C 198 24.37 14.00 35.30
N THR C 199 23.88 13.57 34.15
CA THR C 199 23.76 12.16 33.80
C THR C 199 24.34 12.02 32.38
N VAL C 200 24.61 10.80 31.95
CA VAL C 200 25.07 10.54 30.60
C VAL C 200 24.13 9.59 29.88
N HIS C 201 23.78 9.92 28.62
CA HIS C 201 22.98 9.06 27.77
C HIS C 201 23.71 8.90 26.42
N PRO C 202 23.45 7.80 25.72
CA PRO C 202 23.91 7.66 24.34
C PRO C 202 23.29 8.74 23.43
N LEU C 203 24.07 9.19 22.47
CA LEU C 203 23.63 10.08 21.42
C LEU C 203 22.67 9.38 20.45
N VAL C 204 22.76 8.07 20.35
CA VAL C 204 21.90 7.35 19.44
C VAL C 204 21.31 6.16 20.29
N VAL C 205 19.99 6.07 20.43
CA VAL C 205 19.37 5.08 21.32
C VAL C 205 18.55 4.07 20.49
N THR C 206 18.30 2.91 21.07
CA THR C 206 17.41 1.91 20.45
C THR C 206 16.15 1.88 21.33
N HIS C 207 14.99 2.02 20.71
CA HIS C 207 13.72 2.00 21.40
C HIS C 207 13.48 0.57 21.99
N PRO C 208 13.15 0.47 23.31
CA PRO C 208 13.11 -0.85 23.97
C PRO C 208 11.96 -1.70 23.48
N VAL C 209 11.02 -1.10 22.76
CA VAL C 209 9.96 -1.87 22.20
C VAL C 209 10.07 -2.05 20.70
N THR C 210 10.21 -0.96 19.93
CA THR C 210 10.19 -1.19 18.51
C THR C 210 11.56 -1.74 17.99
N GLY C 211 12.64 -1.64 18.77
CA GLY C 211 14.00 -1.89 18.28
C GLY C 211 14.54 -0.84 17.29
N ARG C 212 13.79 0.22 16.98
CA ARG C 212 14.30 1.15 15.99
C ARG C 212 15.23 2.14 16.67
N ARG C 213 16.19 2.68 15.92
CA ARG C 213 17.12 3.65 16.50
C ARG C 213 16.68 5.08 16.33
N ALA C 214 17.04 5.90 17.32
CA ALA C 214 16.67 7.30 17.22
C ALA C 214 17.82 8.18 17.69
N LEU C 215 17.94 9.36 17.08
CA LEU C 215 18.89 10.36 17.53
C LEU C 215 18.42 10.84 18.90
N TYR C 216 19.34 11.07 19.86
CA TYR C 216 18.89 11.41 21.16
C TYR C 216 19.72 12.60 21.65
N CYS C 217 19.30 13.81 21.32
CA CYS C 217 19.96 15.03 21.91
C CYS C 217 18.93 16.14 21.87
N ASN C 218 19.02 17.09 22.78
CA ASN C 218 18.09 18.21 22.75
C ASN C 218 18.77 19.39 23.44
N GLN C 219 18.52 20.58 22.95
CA GLN C 219 19.27 21.76 23.32
C GLN C 219 18.94 22.22 24.71
N VAL C 220 17.80 21.79 25.25
CA VAL C 220 17.37 22.26 26.56
C VAL C 220 18.23 21.59 27.70
N TYR C 221 18.40 20.26 27.60
CA TYR C 221 19.15 19.53 28.62
C TYR C 221 20.56 19.07 28.24
N CYS C 222 20.91 18.97 26.95
CA CYS C 222 22.26 18.47 26.59
C CYS C 222 23.26 19.55 26.80
N GLN C 223 24.30 19.23 27.53
CA GLN C 223 25.34 20.17 27.85
C GLN C 223 26.50 20.02 26.85
N LYS C 224 27.00 18.82 26.67
CA LYS C 224 28.08 18.59 25.71
C LYS C 224 28.23 17.14 25.41
N ILE C 225 28.90 16.83 24.30
CA ILE C 225 29.27 15.48 23.95
C ILE C 225 30.36 15.08 24.94
N GLN C 226 30.16 13.93 25.59
CA GLN C 226 31.17 13.47 26.61
C GLN C 226 32.58 13.24 25.98
N GLY C 227 33.61 13.80 26.64
CA GLY C 227 34.99 13.52 26.22
C GLY C 227 35.41 14.57 25.17
N MET C 228 34.48 15.33 24.59
CA MET C 228 34.89 16.37 23.59
C MET C 228 35.24 17.73 24.20
N THR C 229 35.98 18.57 23.45
CA THR C 229 36.17 19.94 23.90
C THR C 229 34.81 20.68 23.72
N ASP C 230 34.66 21.83 24.36
CA ASP C 230 33.44 22.60 24.23
C ASP C 230 33.17 23.02 22.78
N ALA C 231 34.23 23.44 22.07
CA ALA C 231 34.05 23.89 20.64
C ALA C 231 33.73 22.66 19.74
N GLU C 232 34.36 21.52 20.00
CA GLU C 232 34.00 20.33 19.18
C GLU C 232 32.58 19.92 19.41
N SER C 233 32.17 19.91 20.68
CA SER C 233 30.81 19.44 21.04
C SER C 233 29.79 20.42 20.44
N LYS C 234 30.05 21.70 20.62
CA LYS C 234 29.10 22.74 20.07
C LYS C 234 28.88 22.57 18.58
N SER C 235 29.96 22.28 17.84
CA SER C 235 29.85 22.27 16.40
C SER C 235 29.02 21.06 15.96
N LEU C 236 29.24 19.92 16.61
CA LEU C 236 28.51 18.75 16.24
C LEU C 236 27.02 18.82 16.71
N LEU C 237 26.78 19.16 17.98
CA LEU C 237 25.40 19.27 18.47
C LEU C 237 24.63 20.34 17.70
N GLN C 238 25.27 21.48 17.34
CA GLN C 238 24.54 22.48 16.52
C GLN C 238 24.11 21.92 15.20
N PHE C 239 25.00 21.23 14.51
CA PHE C 239 24.54 20.57 13.31
C PHE C 239 23.35 19.60 13.56
N LEU C 240 23.42 18.76 14.62
CA LEU C 240 22.36 17.74 14.77
C LEU C 240 21.03 18.42 15.10
N TYR C 241 21.06 19.52 15.87
CA TYR C 241 19.80 20.23 16.20
C TYR C 241 19.21 20.81 14.88
N GLU C 242 20.06 21.42 14.01
CA GLU C 242 19.53 22.05 12.77
C GLU C 242 18.97 20.95 11.88
N HIS C 243 19.69 19.82 11.86
CA HIS C 243 19.23 18.67 11.05
C HIS C 243 17.86 18.11 11.57
N ALA C 244 17.78 17.82 12.86
CA ALA C 244 16.57 17.20 13.42
C ALA C 244 15.36 18.14 13.35
N THR C 245 15.57 19.47 13.44
CA THR C 245 14.38 20.37 13.50
C THR C 245 13.95 21.01 12.14
N LYS C 246 14.40 20.46 11.00
CA LYS C 246 13.90 20.91 9.71
C LYS C 246 12.38 20.70 9.68
N PHE C 247 11.69 21.61 9.00
CA PHE C 247 10.24 21.69 9.03
C PHE C 247 9.63 20.38 8.51
N ASP C 248 10.33 19.73 7.58
CA ASP C 248 9.89 18.45 6.97
C ASP C 248 9.75 17.32 7.92
N PHE C 249 10.47 17.36 9.04
CA PHE C 249 10.35 16.30 10.05
C PHE C 249 9.33 16.57 11.16
N THR C 250 8.57 17.64 11.06
CA THR C 250 7.71 18.04 12.20
C THR C 250 6.29 17.74 11.90
N CYS C 251 5.40 17.82 12.90
CA CYS C 251 3.98 17.89 12.62
C CYS C 251 3.50 18.92 13.65
N ARG C 252 2.25 19.32 13.57
CA ARG C 252 1.78 20.37 14.46
C ARG C 252 0.43 19.96 14.94
N VAL C 253 0.26 19.88 16.27
CA VAL C 253 -1.05 19.45 16.81
C VAL C 253 -1.78 20.66 17.38
N ARG C 254 -3.00 20.86 16.94
CA ARG C 254 -3.87 21.88 17.49
C ARG C 254 -4.73 21.30 18.58
N TRP C 255 -4.95 22.00 19.68
CA TRP C 255 -5.70 21.42 20.74
C TRP C 255 -7.17 21.88 20.75
N LYS C 256 -8.04 21.02 21.28
CA LYS C 256 -9.46 21.39 21.52
C LYS C 256 -9.76 20.81 22.87
N LYS C 257 -10.73 21.36 23.59
CA LYS C 257 -11.11 20.83 24.87
C LYS C 257 -11.28 19.31 24.83
N ASP C 258 -10.75 18.63 25.86
CA ASP C 258 -10.88 17.17 26.04
C ASP C 258 -10.23 16.31 24.95
N GLN C 259 -9.32 16.92 24.19
CA GLN C 259 -8.43 16.12 23.39
C GLN C 259 -7.36 15.43 24.30
N VAL C 260 -7.12 14.13 24.12
CA VAL C 260 -6.14 13.40 24.92
C VAL C 260 -5.05 12.92 23.94
N LEU C 261 -3.79 13.20 24.26
CA LEU C 261 -2.67 12.97 23.30
C LEU C 261 -1.55 12.18 24.02
N VAL C 262 -0.88 11.26 23.34
CA VAL C 262 0.19 10.55 23.99
C VAL C 262 1.40 10.71 23.06
N TRP C 263 2.54 11.09 23.63
CA TRP C 263 3.72 11.12 22.83
C TRP C 263 4.76 10.16 23.39
N ASP C 264 5.58 9.66 22.48
CA ASP C 264 6.71 8.82 22.91
C ASP C 264 7.89 9.73 23.27
N ASN C 265 8.32 9.66 24.52
CA ASN C 265 9.31 10.65 25.02
C ASN C 265 10.73 10.25 24.64
N LEU C 266 10.90 9.06 24.07
CA LEU C 266 12.25 8.64 23.66
C LEU C 266 12.57 8.98 22.18
N CYS C 267 11.60 8.76 21.28
CA CYS C 267 11.87 8.95 19.87
C CYS C 267 11.27 10.19 19.17
N THR C 268 10.76 11.16 19.96
CA THR C 268 10.20 12.44 19.44
C THR C 268 10.79 13.56 20.24
N MET C 269 10.69 14.75 19.67
CA MET C 269 10.88 15.99 20.46
C MET C 269 9.63 16.80 20.23
N HIS C 270 9.37 17.72 21.14
CA HIS C 270 8.19 18.56 21.00
C HIS C 270 8.55 19.96 21.44
N ARG C 271 7.65 20.94 21.16
CA ARG C 271 7.81 22.26 21.73
C ARG C 271 6.49 23.03 21.77
N ALA C 272 6.37 23.96 22.72
CA ALA C 272 5.18 24.75 22.87
C ALA C 272 5.30 25.86 21.83
N VAL C 273 4.18 26.42 21.43
CA VAL C 273 4.21 27.57 20.50
C VAL C 273 3.62 28.72 21.35
N PRO C 274 4.39 29.80 21.55
CA PRO C 274 3.87 30.81 22.50
C PRO C 274 3.00 31.91 21.80
N ASP C 275 2.01 31.55 21.00
CA ASP C 275 1.28 32.57 20.17
C ASP C 275 -0.11 32.87 20.73
N TYR C 276 -0.25 32.88 22.08
CA TYR C 276 -1.57 33.08 22.68
C TYR C 276 -1.42 34.00 23.93
N ALA C 277 -0.39 34.82 23.99
CA ALA C 277 -0.20 35.71 25.15
C ALA C 277 -1.54 36.44 25.41
N GLY C 278 -1.92 36.54 26.69
CA GLY C 278 -3.23 37.14 27.04
C GLY C 278 -4.41 36.19 27.01
N LYS C 279 -4.20 34.90 26.69
CA LYS C 279 -5.35 33.98 26.71
C LYS C 279 -5.06 32.80 27.67
N PHE C 280 -6.07 32.35 28.39
CA PHE C 280 -5.91 31.30 29.39
C PHE C 280 -5.66 29.97 28.66
N ARG C 281 -4.74 29.20 29.20
CA ARG C 281 -4.51 27.84 28.69
C ARG C 281 -4.15 26.84 29.78
N TYR C 282 -4.80 25.68 29.75
CA TYR C 282 -4.64 24.74 30.83
C TYR C 282 -4.76 23.32 30.29
N LEU C 283 -3.68 22.54 30.38
CA LEU C 283 -3.73 21.11 30.05
C LEU C 283 -3.21 20.32 31.30
N THR C 284 -3.66 19.07 31.48
CA THR C 284 -3.08 18.27 32.54
C THR C 284 -2.25 17.19 31.88
N ARG C 285 -1.29 16.60 32.61
CA ARG C 285 -0.56 15.48 32.01
C ARG C 285 -0.15 14.47 33.09
N THR C 286 -0.09 13.21 32.70
CA THR C 286 0.47 12.18 33.56
C THR C 286 1.66 11.60 32.78
N THR C 287 2.76 11.31 33.45
CA THR C 287 3.95 10.88 32.75
C THR C 287 4.18 9.40 33.00
N VAL C 288 4.64 8.72 31.95
CA VAL C 288 4.92 7.30 32.05
C VAL C 288 6.39 7.03 32.14
N ALA C 289 6.76 6.33 33.21
CA ALA C 289 8.17 6.12 33.54
C ALA C 289 8.88 5.32 32.44
N GLY C 290 10.17 5.59 32.23
CA GLY C 290 10.95 4.75 31.29
C GLY C 290 12.18 4.11 31.96
N ASP C 291 12.90 3.31 31.22
CA ASP C 291 14.18 2.76 31.66
C ASP C 291 15.34 3.54 31.09
N LYS C 292 16.53 3.28 31.63
CA LYS C 292 17.72 3.95 31.19
C LYS C 292 17.83 3.91 29.65
N PRO C 293 17.90 5.08 28.97
CA PRO C 293 18.13 5.04 27.51
C PRO C 293 19.40 4.21 27.19
N SER C 294 19.32 3.36 26.17
CA SER C 294 20.51 2.55 25.78
C SER C 294 20.63 2.34 24.30
N ARG C 295 21.86 1.99 23.91
CA ARG C 295 22.31 1.96 22.54
C ARG C 295 21.63 0.80 21.79
N THR D 9 -14.02 35.01 14.16
CA THR D 9 -13.57 36.13 15.08
C THR D 9 -14.60 37.30 15.27
N ASN D 10 -15.73 37.00 15.91
CA ASN D 10 -16.77 37.99 16.31
C ASN D 10 -17.39 38.88 15.21
N LYS D 11 -16.54 39.71 14.61
CA LYS D 11 -16.98 40.77 13.74
C LYS D 11 -17.40 40.34 12.35
N TYR D 12 -17.13 39.12 11.89
CA TYR D 12 -17.54 38.81 10.52
C TYR D 12 -19.02 38.40 10.51
N ARG D 13 -19.82 39.07 9.70
CA ARG D 13 -21.24 38.70 9.61
C ARG D 13 -21.67 37.98 8.34
N PHE D 14 -20.86 38.02 7.28
CA PHE D 14 -21.24 37.39 5.99
C PHE D 14 -20.48 36.09 5.74
N ILE D 15 -19.38 35.85 6.52
CA ILE D 15 -18.57 34.64 6.36
C ILE D 15 -18.21 34.16 7.74
N ASP D 16 -17.85 32.87 7.87
CA ASP D 16 -17.36 32.38 9.14
C ASP D 16 -15.84 32.19 9.03
N VAL D 17 -15.15 32.86 9.92
CA VAL D 17 -13.70 32.74 9.90
C VAL D 17 -13.13 32.13 11.18
N GLN D 18 -12.20 31.19 10.97
CA GLN D 18 -11.63 30.40 12.11
C GLN D 18 -10.13 30.53 11.99
N PRO D 19 -9.52 31.44 12.75
CA PRO D 19 -8.06 31.60 12.58
C PRO D 19 -7.29 30.28 12.91
N LEU D 20 -6.17 30.07 12.24
CA LEU D 20 -5.46 28.78 12.32
C LEU D 20 -4.42 28.76 13.48
N THR D 21 -3.64 29.84 13.62
CA THR D 21 -2.67 30.02 14.72
C THR D 21 -2.84 31.48 15.23
N GLY D 22 -2.06 31.90 16.22
CA GLY D 22 -2.05 33.33 16.66
C GLY D 22 -1.22 34.22 15.72
N VAL D 23 -0.57 33.67 14.71
CA VAL D 23 0.37 34.42 13.91
C VAL D 23 -0.23 34.67 12.51
N LEU D 24 -0.72 33.62 11.85
CA LEU D 24 -1.32 33.83 10.53
C LEU D 24 -2.20 32.61 10.15
N GLY D 25 -3.03 32.79 9.10
CA GLY D 25 -3.83 31.69 8.64
C GLY D 25 -5.25 31.73 9.15
N ALA D 26 -6.22 31.43 8.29
CA ALA D 26 -7.61 31.32 8.75
C ALA D 26 -8.41 30.47 7.77
N GLU D 27 -9.28 29.62 8.32
CA GLU D 27 -10.21 28.92 7.50
C GLU D 27 -11.48 29.78 7.32
N ILE D 28 -11.99 29.82 6.11
CA ILE D 28 -13.27 30.55 5.83
C ILE D 28 -14.35 29.59 5.34
N THR D 29 -15.49 29.60 6.03
CA THR D 29 -16.62 28.80 5.55
C THR D 29 -17.88 29.69 5.52
N GLY D 30 -19.00 29.10 5.12
CA GLY D 30 -20.29 29.86 5.13
C GLY D 30 -20.42 30.62 3.79
N VAL D 31 -19.69 30.21 2.74
CA VAL D 31 -19.78 30.92 1.47
C VAL D 31 -19.56 29.91 0.36
N ASP D 32 -20.23 30.15 -0.75
CA ASP D 32 -20.13 29.24 -1.89
C ASP D 32 -19.46 30.02 -2.98
N LEU D 33 -18.21 29.67 -3.28
CA LEU D 33 -17.46 30.37 -4.30
C LEU D 33 -17.91 30.04 -5.68
N ARG D 34 -18.79 29.04 -5.85
CA ARG D 34 -19.41 28.87 -7.18
C ARG D 34 -20.40 29.97 -7.60
N GLU D 35 -20.82 30.78 -6.64
CA GLU D 35 -21.81 31.87 -6.83
C GLU D 35 -21.18 33.26 -6.75
N PRO D 36 -21.79 34.27 -7.39
CA PRO D 36 -21.21 35.62 -7.23
C PRO D 36 -21.25 36.08 -5.79
N LEU D 37 -20.29 36.87 -5.37
CA LEU D 37 -20.33 37.37 -3.99
C LEU D 37 -20.94 38.79 -3.99
N ASP D 38 -21.90 39.04 -3.11
CA ASP D 38 -22.30 40.42 -2.85
C ASP D 38 -21.14 41.27 -2.27
N ASP D 39 -21.26 42.59 -2.38
CA ASP D 39 -20.28 43.48 -1.92
C ASP D 39 -19.86 43.23 -0.48
N SER D 40 -20.83 43.01 0.42
CA SER D 40 -20.49 42.81 1.84
C SER D 40 -19.66 41.52 2.06
N THR D 41 -20.05 40.43 1.40
CA THR D 41 -19.36 39.18 1.54
C THR D 41 -17.90 39.31 0.97
N TRP D 42 -17.74 39.95 -0.20
CA TRP D 42 -16.41 40.16 -0.77
C TRP D 42 -15.57 41.04 0.18
N ASN D 43 -16.16 42.09 0.73
CA ASN D 43 -15.39 42.93 1.66
C ASN D 43 -14.84 42.17 2.86
N GLU D 44 -15.65 41.24 3.43
CA GLU D 44 -15.20 40.44 4.58
C GLU D 44 -14.08 39.48 4.15
N ILE D 45 -14.23 38.89 2.95
CA ILE D 45 -13.19 38.03 2.44
C ILE D 45 -11.90 38.77 2.27
N LEU D 46 -11.96 39.91 1.62
CA LEU D 46 -10.75 40.73 1.48
C LEU D 46 -10.15 41.21 2.76
N ASP D 47 -11.01 41.59 3.73
CA ASP D 47 -10.54 42.01 5.03
C ASP D 47 -9.80 40.81 5.75
N ALA D 48 -10.40 39.60 5.68
CA ALA D 48 -9.82 38.37 6.25
C ALA D 48 -8.47 38.05 5.56
N PHE D 49 -8.41 38.19 4.24
CA PHE D 49 -7.14 38.01 3.48
C PHE D 49 -6.04 38.98 3.99
N HIS D 50 -6.38 40.26 4.14
CA HIS D 50 -5.40 41.22 4.68
C HIS D 50 -5.04 41.03 6.15
N THR D 51 -5.95 40.50 6.96
CA THR D 51 -5.69 40.32 8.38
C THR D 51 -4.84 39.03 8.59
N TYR D 52 -5.21 37.94 7.90
CA TYR D 52 -4.71 36.63 8.22
C TYR D 52 -3.66 36.13 7.24
N GLN D 53 -3.55 36.79 6.07
CA GLN D 53 -2.42 36.68 5.11
C GLN D 53 -2.53 35.43 4.30
N VAL D 54 -3.05 34.35 4.89
CA VAL D 54 -3.31 33.13 4.11
C VAL D 54 -4.68 32.67 4.48
N ILE D 55 -5.57 32.51 3.49
CA ILE D 55 -6.91 32.10 3.87
C ILE D 55 -7.31 30.89 3.04
N TYR D 56 -8.12 29.99 3.59
CA TYR D 56 -8.47 28.88 2.74
C TYR D 56 -9.93 28.50 2.95
N PHE D 57 -10.55 27.96 1.90
CA PHE D 57 -11.97 27.61 1.89
C PHE D 57 -12.14 26.13 1.57
N PRO D 58 -12.44 25.31 2.57
CA PRO D 58 -12.64 23.88 2.25
C PRO D 58 -13.93 23.67 1.42
N GLY D 59 -13.94 22.63 0.58
CA GLY D 59 -15.21 22.12 0.00
C GLY D 59 -15.74 23.09 -1.08
N GLN D 60 -14.87 23.61 -1.95
CA GLN D 60 -15.35 24.52 -3.02
C GLN D 60 -15.12 23.85 -4.36
N ALA D 61 -16.14 23.10 -4.81
CA ALA D 61 -16.06 22.38 -6.10
C ALA D 61 -16.30 23.35 -7.29
N ILE D 62 -15.30 24.16 -7.58
CA ILE D 62 -15.43 25.24 -8.60
C ILE D 62 -14.87 24.84 -9.96
N THR D 63 -15.32 25.49 -11.05
CA THR D 63 -14.83 25.17 -12.37
C THR D 63 -13.54 25.92 -12.48
N ASN D 64 -12.72 25.58 -13.48
CA ASN D 64 -11.55 26.40 -13.78
C ASN D 64 -11.88 27.87 -14.05
N GLU D 65 -13.00 28.11 -14.72
CA GLU D 65 -13.33 29.54 -14.94
C GLU D 65 -13.78 30.23 -13.72
N GLN D 66 -14.47 29.55 -12.83
CA GLN D 66 -14.81 30.23 -11.58
C GLN D 66 -13.51 30.54 -10.77
N HIS D 67 -12.54 29.63 -10.86
CA HIS D 67 -11.22 29.84 -10.18
C HIS D 67 -10.59 31.10 -10.73
N ILE D 68 -10.56 31.20 -12.06
CA ILE D 68 -10.05 32.43 -12.72
C ILE D 68 -10.79 33.72 -12.25
N ALA D 69 -12.13 33.69 -12.22
CA ALA D 69 -12.86 34.89 -11.87
C ALA D 69 -12.64 35.25 -10.42
N PHE D 70 -12.68 34.24 -9.52
CA PHE D 70 -12.49 34.55 -8.15
C PHE D 70 -11.07 35.21 -7.93
N SER D 71 -10.05 34.66 -8.57
CA SER D 71 -8.65 35.13 -8.50
C SER D 71 -8.60 36.60 -8.96
N ARG D 72 -9.31 36.84 -10.07
CA ARG D 72 -9.48 38.22 -10.61
C ARG D 72 -10.03 39.26 -9.62
N ARG D 73 -10.86 38.85 -8.67
CA ARG D 73 -11.31 39.82 -7.68
C ARG D 73 -10.16 40.42 -6.85
N PHE D 74 -9.04 39.66 -6.70
CA PHE D 74 -7.88 40.12 -5.89
C PHE D 74 -7.02 41.04 -6.73
N GLY D 75 -7.06 40.93 -8.06
CA GLY D 75 -6.26 41.83 -8.92
C GLY D 75 -6.01 41.15 -10.25
N PRO D 76 -5.29 41.81 -11.18
CA PRO D 76 -5.06 41.29 -12.53
C PRO D 76 -4.42 39.88 -12.47
N VAL D 77 -4.82 38.94 -13.33
CA VAL D 77 -4.19 37.56 -13.25
C VAL D 77 -3.12 37.42 -14.32
N ASP D 78 -2.00 36.79 -13.93
CA ASP D 78 -0.86 36.68 -14.80
C ASP D 78 -0.01 35.47 -14.35
N PRO D 79 0.21 34.49 -15.24
CA PRO D 79 0.95 33.26 -14.79
C PRO D 79 2.43 33.49 -14.42
N VAL D 80 3.04 32.62 -13.58
CA VAL D 80 4.48 32.74 -13.30
C VAL D 80 5.24 32.11 -14.48
N PRO D 81 6.48 32.55 -14.73
CA PRO D 81 7.22 32.05 -15.89
C PRO D 81 7.44 30.51 -15.88
N ILE D 82 7.64 29.88 -14.70
CA ILE D 82 8.18 28.51 -14.76
C ILE D 82 7.16 27.35 -14.96
N LEU D 83 5.86 27.54 -14.68
CA LEU D 83 4.97 26.37 -14.56
C LEU D 83 4.18 26.18 -15.85
N LYS D 84 3.90 24.94 -16.21
CA LYS D 84 3.01 24.59 -17.35
C LYS D 84 1.59 24.85 -16.96
N SER D 85 0.73 25.14 -17.93
CA SER D 85 -0.66 25.39 -17.59
C SER D 85 -1.57 24.32 -18.23
N ILE D 86 -2.79 24.16 -17.74
CA ILE D 86 -3.73 23.15 -18.25
C ILE D 86 -4.13 23.51 -19.67
N GLU D 87 -4.39 22.53 -20.53
CA GLU D 87 -4.77 22.93 -21.92
C GLU D 87 -6.06 23.74 -21.91
N GLY D 88 -6.03 24.87 -22.59
CA GLY D 88 -7.21 25.74 -22.70
C GLY D 88 -7.35 26.79 -21.64
N TYR D 89 -6.40 26.80 -20.66
CA TYR D 89 -6.34 27.89 -19.68
C TYR D 89 -4.93 28.32 -19.30
N PRO D 90 -4.31 29.24 -20.07
CA PRO D 90 -2.97 29.71 -19.80
C PRO D 90 -2.81 30.22 -18.39
N GLU D 91 -3.90 30.66 -17.77
CA GLU D 91 -3.82 31.33 -16.47
C GLU D 91 -3.84 30.33 -15.34
N VAL D 92 -4.18 29.09 -15.65
CA VAL D 92 -4.37 28.04 -14.58
C VAL D 92 -3.18 27.08 -14.71
N GLN D 93 -2.19 27.28 -13.81
CA GLN D 93 -0.97 26.50 -13.87
C GLN D 93 -1.07 25.27 -12.96
N MET D 94 -0.12 24.35 -13.13
CA MET D 94 -0.21 23.11 -12.38
C MET D 94 0.94 22.94 -11.38
N ILE D 95 0.61 22.37 -10.22
CA ILE D 95 1.60 21.84 -9.32
C ILE D 95 1.19 20.36 -9.21
N ARG D 96 1.80 19.58 -10.07
CA ARG D 96 1.37 18.23 -10.26
C ARG D 96 2.63 17.31 -10.18
N ARG D 97 2.49 16.24 -9.41
CA ARG D 97 3.61 15.28 -9.24
C ARG D 97 3.05 13.89 -9.39
N GLU D 98 3.51 13.17 -10.42
CA GLU D 98 3.03 11.78 -10.70
C GLU D 98 3.52 10.87 -9.56
N ALA D 99 2.82 9.74 -9.30
CA ALA D 99 3.18 8.89 -8.16
C ALA D 99 4.59 8.38 -8.31
N ASN D 100 5.00 8.16 -9.55
CA ASN D 100 6.28 7.53 -9.73
C ASN D 100 7.48 8.49 -9.80
N GLU D 101 7.33 9.80 -9.48
CA GLU D 101 8.46 10.71 -9.74
C GLU D 101 9.57 10.52 -8.71
N SER D 102 10.83 10.76 -9.11
CA SER D 102 12.01 10.73 -8.24
CA SER D 102 11.99 10.73 -8.22
C SER D 102 12.78 12.05 -8.31
N SER D 103 12.20 13.05 -8.98
CA SER D 103 12.87 14.33 -9.16
C SER D 103 12.69 15.19 -7.89
N ARG D 104 13.36 16.35 -7.89
CA ARG D 104 13.18 17.40 -6.88
C ARG D 104 11.71 17.80 -6.73
N PHE D 105 11.24 18.01 -5.50
CA PHE D 105 9.87 18.46 -5.24
C PHE D 105 9.79 19.97 -5.49
N ILE D 106 8.79 20.44 -6.21
CA ILE D 106 8.70 21.86 -6.53
C ILE D 106 8.49 22.67 -5.23
N GLY D 107 9.28 23.72 -5.04
CA GLY D 107 9.02 24.61 -3.92
C GLY D 107 9.36 24.04 -2.53
N ASP D 108 10.33 23.13 -2.45
CA ASP D 108 10.57 22.47 -1.15
C ASP D 108 11.56 23.26 -0.21
N ASP D 109 11.80 24.53 -0.45
CA ASP D 109 12.55 25.39 0.52
C ASP D 109 11.64 26.60 0.76
N TRP D 110 11.80 27.27 1.93
CA TRP D 110 11.01 28.51 2.17
C TRP D 110 11.30 29.57 1.09
N HIS D 111 10.23 30.08 0.48
CA HIS D 111 10.43 31.10 -0.53
C HIS D 111 9.16 31.93 -0.65
N THR D 112 9.24 32.97 -1.46
CA THR D 112 7.96 33.46 -1.98
C THR D 112 8.11 33.48 -3.47
N ASP D 113 7.00 33.54 -4.22
CA ASP D 113 7.09 33.13 -5.60
C ASP D 113 7.69 34.15 -6.51
N SER D 114 8.48 33.69 -7.47
CA SER D 114 8.97 34.55 -8.60
C SER D 114 9.46 35.94 -8.24
N THR D 115 10.27 36.04 -7.16
CA THR D 115 10.78 37.33 -6.75
C THR D 115 11.92 37.82 -7.63
N PHE D 116 12.42 37.01 -8.55
CA PHE D 116 13.36 37.46 -9.58
C PHE D 116 12.68 38.44 -10.59
N LEU D 117 11.37 38.47 -10.62
CA LEU D 117 10.66 39.44 -11.50
C LEU D 117 10.78 40.84 -10.96
N ASP D 118 10.77 41.83 -11.86
CA ASP D 118 10.80 43.25 -11.43
C ASP D 118 9.56 43.49 -10.61
N ALA D 119 8.47 42.84 -11.00
CA ALA D 119 7.22 42.91 -10.19
C ALA D 119 6.68 41.52 -9.95
N PRO D 120 7.12 40.89 -8.81
CA PRO D 120 6.57 39.58 -8.46
C PRO D 120 5.05 39.58 -8.22
N PRO D 121 4.43 38.39 -8.16
CA PRO D 121 3.01 38.29 -7.88
C PRO D 121 2.65 38.93 -6.56
N ALA D 122 1.43 39.48 -6.48
CA ALA D 122 0.86 39.90 -5.23
C ALA D 122 0.27 38.74 -4.46
N ALA D 123 -0.29 37.75 -5.14
CA ALA D 123 -1.01 36.72 -4.46
C ALA D 123 -1.10 35.54 -5.34
N VAL D 124 -1.39 34.39 -4.71
CA VAL D 124 -1.73 33.19 -5.51
C VAL D 124 -2.94 32.48 -4.99
N VAL D 125 -3.72 31.92 -5.93
CA VAL D 125 -4.90 31.17 -5.54
C VAL D 125 -4.82 29.74 -6.02
N MET D 126 -4.69 28.82 -5.03
CA MET D 126 -4.38 27.42 -5.29
C MET D 126 -5.55 26.58 -4.90
N ARG D 127 -5.83 25.51 -5.68
CA ARG D 127 -7.01 24.74 -5.47
C ARG D 127 -6.59 23.26 -5.57
N ALA D 128 -6.94 22.45 -4.57
CA ALA D 128 -6.61 21.04 -4.62
C ALA D 128 -7.53 20.29 -5.61
N ILE D 129 -6.93 19.58 -6.54
CA ILE D 129 -7.70 18.75 -7.50
C ILE D 129 -7.79 17.33 -6.94
N GLU D 130 -6.61 16.74 -6.68
CA GLU D 130 -6.52 15.39 -6.17
C GLU D 130 -5.27 15.22 -5.36
N VAL D 131 -5.41 14.99 -4.06
CA VAL D 131 -4.26 14.99 -3.15
C VAL D 131 -4.32 13.73 -2.26
N PRO D 132 -3.18 13.30 -1.69
CA PRO D 132 -3.22 12.15 -0.82
C PRO D 132 -4.03 12.36 0.46
N GLU D 133 -4.36 11.26 1.09
CA GLU D 133 -5.14 11.33 2.30
C GLU D 133 -4.28 12.04 3.40
N TYR D 134 -2.96 11.82 3.40
CA TYR D 134 -2.06 12.58 4.27
C TYR D 134 -0.71 12.75 3.56
N GLY D 135 0.05 13.78 3.94
CA GLY D 135 1.29 14.10 3.28
C GLY D 135 1.05 15.23 2.27
N GLY D 136 2.07 16.05 2.05
CA GLY D 136 2.03 17.15 1.05
C GLY D 136 1.35 18.44 1.59
N ASP D 137 1.40 18.65 2.93
CA ASP D 137 0.93 19.89 3.53
C ASP D 137 1.76 21.01 2.93
N THR D 138 1.31 22.26 3.10
CA THR D 138 2.10 23.39 2.68
C THR D 138 2.38 24.18 3.94
N GLY D 139 3.64 24.54 4.18
CA GLY D 139 3.88 25.48 5.28
C GLY D 139 3.82 26.91 4.83
N PHE D 140 3.49 27.83 5.77
CA PHE D 140 3.48 29.25 5.53
C PHE D 140 4.13 29.93 6.76
N LEU D 141 4.64 31.12 6.55
CA LEU D 141 5.11 31.97 7.65
C LEU D 141 4.84 33.39 7.35
N SER D 142 4.81 34.19 8.42
CA SER D 142 4.52 35.62 8.28
C SER D 142 5.78 36.50 8.26
N MET D 143 6.02 37.23 7.17
CA MET D 143 7.15 38.09 7.13
C MET D 143 6.85 39.43 7.86
N TYR D 144 5.58 39.68 8.19
CA TYR D 144 5.24 40.76 9.09
C TYR D 144 5.81 40.38 10.45
N SER D 145 5.54 39.18 10.94
CA SER D 145 6.07 38.79 12.25
C SER D 145 7.63 38.74 12.28
N ALA D 146 8.26 38.26 11.20
CA ALA D 146 9.74 38.23 11.14
C ALA D 146 10.29 39.62 11.33
N TRP D 147 9.69 40.59 10.65
CA TRP D 147 10.10 41.99 10.75
C TRP D 147 9.85 42.61 12.14
N GLU D 148 8.64 42.39 12.65
CA GLU D 148 8.23 42.95 13.93
C GLU D 148 8.99 42.40 15.09
N THR D 149 9.53 41.20 14.96
CA THR D 149 10.28 40.64 16.09
C THR D 149 11.80 40.95 16.00
N LEU D 150 12.23 41.64 14.94
CA LEU D 150 13.57 42.33 14.98
C LEU D 150 13.53 43.49 15.99
N SER D 151 14.61 43.66 16.77
CA SER D 151 14.71 44.87 17.65
C SER D 151 14.59 46.17 16.81
N PRO D 152 14.12 47.29 17.42
CA PRO D 152 14.18 48.56 16.69
C PRO D 152 15.59 48.87 16.21
N THR D 153 16.62 48.48 16.99
CA THR D 153 17.97 48.74 16.57
C THR D 153 18.31 47.98 15.30
N MET D 154 18.03 46.69 15.31
CA MET D 154 18.27 45.87 14.10
C MET D 154 17.40 46.37 12.89
N GLN D 155 16.15 46.73 13.14
CA GLN D 155 15.29 47.32 12.07
C GLN D 155 15.91 48.54 11.39
N ALA D 156 16.40 49.47 12.21
CA ALA D 156 17.04 50.69 11.71
C ALA D 156 18.33 50.34 10.92
N THR D 157 19.06 49.30 11.38
CA THR D 157 20.27 48.90 10.74
C THR D 157 20.04 48.40 9.30
N ILE D 158 18.99 47.60 9.07
CA ILE D 158 18.86 46.98 7.79
C ILE D 158 17.82 47.63 6.86
N GLU D 159 17.04 48.62 7.33
CA GLU D 159 15.89 49.05 6.53
C GLU D 159 16.26 49.76 5.24
N GLY D 160 17.47 50.32 5.15
CA GLY D 160 17.90 50.95 3.92
C GLY D 160 18.52 50.00 2.88
N LEU D 161 18.57 48.69 3.11
CA LEU D 161 19.36 47.81 2.23
C LEU D 161 18.45 47.28 1.11
N ASN D 162 19.05 46.91 -0.01
CA ASN D 162 18.37 46.24 -1.14
C ASN D 162 19.04 44.92 -1.36
N VAL D 163 18.38 43.99 -2.08
CA VAL D 163 18.88 42.65 -2.29
C VAL D 163 18.80 42.40 -3.79
N VAL D 164 19.76 41.68 -4.33
CA VAL D 164 19.71 41.26 -5.71
C VAL D 164 19.09 39.89 -5.81
N HIS D 165 18.07 39.75 -6.66
CA HIS D 165 17.34 38.51 -6.83
C HIS D 165 17.57 37.99 -8.28
N SER D 166 17.56 36.69 -8.47
CA SER D 166 17.54 36.12 -9.85
C SER D 166 17.10 34.70 -9.72
N ALA D 167 16.74 34.04 -10.83
CA ALA D 167 16.31 32.66 -10.82
C ALA D 167 17.48 31.68 -11.07
N THR D 168 18.73 32.14 -10.83
CA THR D 168 19.85 31.32 -11.32
C THR D 168 19.86 29.90 -10.73
N LYS D 169 19.43 29.74 -9.46
CA LYS D 169 19.39 28.39 -8.86
C LYS D 169 18.22 27.54 -9.26
N VAL D 170 17.22 28.13 -9.92
CA VAL D 170 16.01 27.39 -10.25
C VAL D 170 15.99 26.99 -11.73
N PHE D 171 16.40 27.90 -12.59
CA PHE D 171 16.44 27.60 -14.02
C PHE D 171 17.56 28.35 -14.75
N GLY D 172 18.54 28.93 -14.01
CA GLY D 172 19.71 29.55 -14.66
C GLY D 172 21.01 28.68 -14.52
N SER D 173 22.16 29.36 -14.48
CA SER D 173 23.49 28.70 -14.59
C SER D 173 23.76 27.84 -13.36
N LEU D 174 23.34 28.26 -12.16
CA LEU D 174 23.56 27.38 -10.97
C LEU D 174 22.73 26.09 -11.05
N TYR D 175 21.49 26.21 -11.52
CA TYR D 175 20.64 25.05 -11.75
C TYR D 175 21.30 24.09 -12.74
N GLN D 176 21.72 24.62 -13.90
CA GLN D 176 22.36 23.81 -14.94
C GLN D 176 23.66 23.17 -14.49
N ALA D 177 24.36 23.78 -13.53
CA ALA D 177 25.56 23.19 -12.92
C ALA D 177 25.26 22.04 -11.98
N THR D 178 24.02 21.93 -11.48
CA THR D 178 23.66 20.93 -10.46
C THR D 178 23.30 19.63 -11.12
N ASN D 179 23.12 18.64 -10.26
CA ASN D 179 22.74 17.32 -10.70
C ASN D 179 21.23 17.10 -10.64
N TRP D 180 20.58 17.74 -9.66
CA TRP D 180 19.18 17.47 -9.29
C TRP D 180 18.16 18.38 -10.02
N ARG D 181 17.34 17.74 -10.84
CA ARG D 181 16.34 18.41 -11.67
C ARG D 181 14.89 18.23 -11.16
N PHE D 182 14.03 19.19 -11.52
CA PHE D 182 12.60 19.01 -11.51
C PHE D 182 12.24 18.16 -12.70
N SER D 183 11.11 17.48 -12.60
CA SER D 183 10.58 16.72 -13.73
C SER D 183 9.86 17.72 -14.67
N ASN D 184 9.55 17.23 -15.86
CA ASN D 184 8.82 18.04 -16.85
C ASN D 184 7.28 17.92 -16.65
N THR D 185 6.82 17.26 -15.58
CA THR D 185 5.37 17.21 -15.32
C THR D 185 4.78 18.64 -15.20
N SER D 186 5.44 19.55 -14.49
CA SER D 186 4.78 20.84 -14.21
C SER D 186 5.70 21.95 -14.60
N VAL D 187 7.00 21.62 -14.85
CA VAL D 187 7.99 22.66 -15.03
C VAL D 187 8.41 22.76 -16.51
N LYS D 188 8.42 23.98 -17.02
CA LYS D 188 8.90 24.25 -18.40
C LYS D 188 10.42 24.32 -18.54
N VAL D 189 10.89 23.96 -19.75
CA VAL D 189 12.27 24.24 -20.11
C VAL D 189 12.44 25.75 -20.25
N MET D 190 13.45 26.32 -19.59
CA MET D 190 13.64 27.77 -19.64
C MET D 190 14.94 28.19 -20.31
N ASP D 191 15.04 29.44 -20.73
CA ASP D 191 16.25 29.99 -21.25
C ASP D 191 17.20 30.34 -20.07
N VAL D 192 18.44 29.87 -20.13
CA VAL D 192 19.44 30.12 -19.07
C VAL D 192 19.66 31.60 -18.78
N ASP D 193 19.75 32.42 -19.82
CA ASP D 193 19.86 33.85 -19.62
C ASP D 193 18.68 34.51 -18.87
N ALA D 194 17.45 34.04 -19.09
CA ALA D 194 16.32 34.54 -18.31
C ALA D 194 16.50 34.07 -16.84
N GLY D 195 17.04 32.87 -16.67
CA GLY D 195 17.32 32.32 -15.32
C GLY D 195 18.30 33.22 -14.58
N ASP D 196 19.23 33.85 -15.32
CA ASP D 196 20.34 34.60 -14.69
C ASP D 196 20.10 36.09 -14.60
N ARG D 197 19.02 36.58 -15.25
CA ARG D 197 18.70 37.99 -15.18
C ARG D 197 18.41 38.43 -13.71
N GLU D 198 19.09 39.50 -13.30
CA GLU D 198 18.97 40.05 -11.96
C GLU D 198 17.97 41.19 -11.86
N THR D 199 17.34 41.30 -10.70
CA THR D 199 16.55 42.48 -10.35
C THR D 199 16.92 42.87 -8.91
N VAL D 200 16.52 44.04 -8.47
CA VAL D 200 16.82 44.53 -7.12
C VAL D 200 15.49 44.84 -6.43
N HIS D 201 15.32 44.34 -5.22
CA HIS D 201 14.20 44.75 -4.35
C HIS D 201 14.67 45.22 -2.98
N PRO D 202 13.85 46.03 -2.31
CA PRO D 202 14.14 46.41 -0.89
C PRO D 202 14.17 45.16 0.00
N LEU D 203 15.04 45.17 1.00
CA LEU D 203 15.05 44.13 2.03
C LEU D 203 13.85 44.26 2.98
N VAL D 204 13.27 45.46 3.06
CA VAL D 204 12.09 45.66 3.93
C VAL D 204 11.06 46.44 3.08
N VAL D 205 9.89 45.87 2.90
CA VAL D 205 8.90 46.42 1.99
C VAL D 205 7.66 46.90 2.81
N THR D 206 6.89 47.83 2.23
CA THR D 206 5.61 48.23 2.84
C THR D 206 4.53 47.60 1.98
N HIS D 207 3.60 46.91 2.61
CA HIS D 207 2.54 46.32 1.83
C HIS D 207 1.66 47.45 1.23
N PRO D 208 1.35 47.35 -0.08
CA PRO D 208 0.66 48.50 -0.70
C PRO D 208 -0.77 48.67 -0.30
N VAL D 209 -1.38 47.74 0.43
CA VAL D 209 -2.74 47.93 0.88
C VAL D 209 -2.76 48.10 2.35
N THR D 210 -2.09 47.20 3.09
CA THR D 210 -2.23 47.35 4.54
C THR D 210 -1.28 48.44 5.12
N GLY D 211 -0.27 48.94 4.38
CA GLY D 211 0.77 49.84 4.92
C GLY D 211 1.70 49.17 5.94
N ARG D 212 1.49 47.90 6.25
CA ARG D 212 2.36 47.26 7.21
C ARG D 212 3.73 46.87 6.57
N ARG D 213 4.77 46.82 7.40
CA ARG D 213 6.10 46.43 6.87
C ARG D 213 6.40 44.95 7.02
N ALA D 214 7.11 44.43 6.02
CA ALA D 214 7.52 43.01 6.02
C ALA D 214 8.97 42.84 5.61
N LEU D 215 9.63 41.90 6.24
CA LEU D 215 11.00 41.52 5.80
C LEU D 215 10.84 40.88 4.42
N TYR D 216 11.78 41.08 3.51
CA TYR D 216 11.56 40.55 2.22
C TYR D 216 12.87 39.93 1.73
N CYS D 217 13.12 38.66 2.05
CA CYS D 217 14.29 38.03 1.44
C CYS D 217 13.92 36.58 1.47
N ASN D 218 14.47 35.79 0.54
CA ASN D 218 14.25 34.34 0.56
C ASN D 218 15.45 33.64 -0.08
N GLN D 219 15.76 32.45 0.40
CA GLN D 219 16.99 31.73 0.02
CA GLN D 219 17.02 31.77 0.01
C GLN D 219 16.97 31.21 -1.40
N VAL D 220 15.77 31.02 -1.94
CA VAL D 220 15.66 30.43 -3.32
C VAL D 220 16.12 31.46 -4.40
N TYR D 221 15.65 32.71 -4.27
CA TYR D 221 15.94 33.75 -5.29
C TYR D 221 16.92 34.82 -4.88
N CYS D 222 17.10 35.07 -3.57
CA CYS D 222 18.07 36.19 -3.19
C CYS D 222 19.50 35.75 -3.34
N GLN D 223 20.25 36.56 -4.09
CA GLN D 223 21.68 36.22 -4.39
C GLN D 223 22.56 36.89 -3.35
N LYS D 224 22.35 38.19 -3.14
CA LYS D 224 23.12 38.90 -2.09
C LYS D 224 22.55 40.26 -1.82
N ILE D 225 23.02 40.86 -0.74
CA ILE D 225 22.69 42.19 -0.39
C ILE D 225 23.45 43.06 -1.35
N GLN D 226 22.74 44.00 -1.99
CA GLN D 226 23.41 44.82 -3.01
C GLN D 226 24.50 45.70 -2.36
N GLY D 227 25.67 45.76 -2.98
CA GLY D 227 26.75 46.57 -2.49
C GLY D 227 27.63 45.87 -1.42
N MET D 228 27.15 44.77 -0.82
CA MET D 228 27.96 44.10 0.19
C MET D 228 29.00 43.14 -0.44
N THR D 229 30.05 42.72 0.32
CA THR D 229 30.90 41.64 -0.17
C THR D 229 30.10 40.34 -0.01
N ASP D 230 30.58 39.26 -0.63
CA ASP D 230 29.91 37.99 -0.50
C ASP D 230 29.82 37.50 0.95
N ALA D 231 30.95 37.60 1.70
CA ALA D 231 30.98 37.17 3.10
C ALA D 231 30.04 38.04 3.99
N GLU D 232 29.98 39.35 3.75
CA GLU D 232 29.06 40.23 4.57
C GLU D 232 27.59 39.84 4.29
N SER D 233 27.32 39.73 3.01
CA SER D 233 25.95 39.45 2.61
C SER D 233 25.53 38.10 3.15
N LYS D 234 26.38 37.12 3.00
CA LYS D 234 26.06 35.75 3.48
C LYS D 234 25.76 35.76 4.95
N SER D 235 26.56 36.49 5.72
CA SER D 235 26.35 36.51 7.13
C SER D 235 24.98 37.11 7.53
N LEU D 236 24.62 38.23 6.93
CA LEU D 236 23.35 38.89 7.28
C LEU D 236 22.16 38.05 6.81
N LEU D 237 22.16 37.67 5.54
CA LEU D 237 21.06 36.87 4.95
C LEU D 237 20.84 35.60 5.73
N GLN D 238 21.92 34.89 6.09
CA GLN D 238 21.77 33.70 6.93
C GLN D 238 21.08 33.95 8.25
N PHE D 239 21.50 34.99 8.97
CA PHE D 239 20.80 35.35 10.20
C PHE D 239 19.29 35.61 9.91
N LEU D 240 18.98 36.37 8.83
CA LEU D 240 17.59 36.69 8.59
C LEU D 240 16.74 35.46 8.24
N TYR D 241 17.32 34.51 7.46
CA TYR D 241 16.63 33.30 7.15
C TYR D 241 16.33 32.46 8.42
N GLU D 242 17.34 32.23 9.28
CA GLU D 242 17.14 31.51 10.55
C GLU D 242 16.09 32.22 11.40
N HIS D 243 16.17 33.54 11.45
CA HIS D 243 15.20 34.32 12.26
C HIS D 243 13.76 34.13 11.68
N ALA D 244 13.60 34.33 10.39
CA ALA D 244 12.25 34.30 9.81
C ALA D 244 11.56 32.92 9.85
N THR D 245 12.35 31.86 9.80
CA THR D 245 11.81 30.50 9.66
C THR D 245 11.72 29.78 10.99
N LYS D 246 11.80 30.51 12.11
CA LYS D 246 11.52 29.93 13.38
C LYS D 246 10.11 29.30 13.38
N PHE D 247 9.99 28.15 14.07
CA PHE D 247 8.74 27.39 14.03
C PHE D 247 7.59 28.23 14.52
N ASP D 248 7.90 29.09 15.48
CA ASP D 248 6.92 29.99 16.08
C ASP D 248 6.23 30.91 15.05
N PHE D 249 6.86 31.13 13.89
CA PHE D 249 6.26 32.07 12.97
C PHE D 249 5.50 31.37 11.86
N THR D 250 5.34 30.05 11.92
CA THR D 250 4.79 29.27 10.79
C THR D 250 3.34 28.82 11.06
N CYS D 251 2.63 28.37 10.03
CA CYS D 251 1.48 27.57 10.27
C CYS D 251 1.55 26.47 9.25
N ARG D 252 0.62 25.55 9.32
CA ARG D 252 0.76 24.48 8.38
C ARG D 252 -0.61 24.16 7.81
N VAL D 253 -0.75 24.08 6.47
CA VAL D 253 -2.08 23.84 5.93
C VAL D 253 -2.15 22.43 5.33
N ARG D 254 -3.15 21.69 5.70
CA ARG D 254 -3.37 20.38 5.14
C ARG D 254 -4.41 20.53 4.02
N TRP D 255 -4.19 19.82 2.91
CA TRP D 255 -5.09 19.92 1.77
C TRP D 255 -6.12 18.80 1.74
N LYS D 256 -7.29 19.08 1.18
CA LYS D 256 -8.31 18.06 0.87
C LYS D 256 -8.84 18.50 -0.47
N LYS D 257 -9.38 17.57 -1.23
CA LYS D 257 -9.95 17.87 -2.52
C LYS D 257 -10.85 19.13 -2.46
N ASP D 258 -10.66 20.00 -3.45
CA ASP D 258 -11.44 21.24 -3.63
C ASP D 258 -11.36 22.27 -2.51
N GLN D 259 -10.26 22.20 -1.77
CA GLN D 259 -9.87 23.28 -0.90
C GLN D 259 -9.27 24.38 -1.78
N VAL D 260 -9.73 25.63 -1.60
CA VAL D 260 -9.19 26.76 -2.36
C VAL D 260 -8.52 27.69 -1.32
N LEU D 261 -7.32 28.13 -1.65
CA LEU D 261 -6.49 28.84 -0.68
C LEU D 261 -5.92 30.08 -1.35
N VAL D 262 -5.84 31.21 -0.65
CA VAL D 262 -5.16 32.35 -1.21
C VAL D 262 -4.04 32.75 -0.25
N TRP D 263 -2.86 33.10 -0.79
CA TRP D 263 -1.76 33.57 0.08
C TRP D 263 -1.28 34.87 -0.42
N ASP D 264 -0.79 35.71 0.47
CA ASP D 264 -0.29 37.00 0.04
C ASP D 264 1.18 36.76 -0.27
N ASN D 265 1.58 36.98 -1.52
CA ASN D 265 2.96 36.65 -1.98
C ASN D 265 4.03 37.68 -1.55
N LEU D 266 3.59 38.80 -0.98
CA LEU D 266 4.55 39.82 -0.50
C LEU D 266 4.95 39.62 0.98
N CYS D 267 3.97 39.32 1.82
CA CYS D 267 4.15 39.32 3.27
C CYS D 267 4.24 37.94 3.95
N THR D 268 4.28 36.87 3.14
CA THR D 268 4.38 35.52 3.64
C THR D 268 5.46 34.83 2.83
N MET D 269 5.94 33.70 3.39
CA MET D 269 6.73 32.73 2.67
C MET D 269 6.02 31.39 2.85
N HIS D 270 6.34 30.46 1.97
CA HIS D 270 5.74 29.16 2.02
C HIS D 270 6.73 28.10 1.56
N ARG D 271 6.37 26.85 1.78
CA ARG D 271 7.21 25.78 1.27
C ARG D 271 6.40 24.49 1.15
N ALA D 272 6.81 23.68 0.18
CA ALA D 272 6.18 22.41 0.03
C ALA D 272 6.79 21.43 1.08
N VAL D 273 6.05 20.40 1.45
CA VAL D 273 6.53 19.39 2.41
C VAL D 273 6.58 18.07 1.59
N PRO D 274 7.75 17.50 1.38
CA PRO D 274 7.82 16.33 0.47
C PRO D 274 7.58 14.97 1.14
N ASP D 275 6.56 14.81 1.98
CA ASP D 275 6.44 13.58 2.74
C ASP D 275 5.39 12.66 2.12
N TYR D 276 5.31 12.61 0.79
CA TYR D 276 4.32 11.74 0.17
C TYR D 276 4.96 11.04 -1.06
N ALA D 277 6.24 10.72 -0.98
CA ALA D 277 6.93 10.05 -2.12
C ALA D 277 6.06 8.83 -2.57
N GLY D 278 5.84 8.65 -3.86
CA GLY D 278 5.01 7.51 -4.36
C GLY D 278 3.51 7.75 -4.40
N LYS D 279 3.08 8.95 -4.06
CA LYS D 279 1.64 9.22 -4.09
C LYS D 279 1.36 10.42 -5.07
N PHE D 280 0.30 10.32 -5.87
CA PHE D 280 -0.03 11.36 -6.88
C PHE D 280 -0.52 12.60 -6.13
N ARG D 281 -0.19 13.77 -6.63
CA ARG D 281 -0.63 15.00 -5.99
C ARG D 281 -0.77 16.05 -7.07
N TYR D 282 -1.92 16.75 -7.06
CA TYR D 282 -2.24 17.70 -8.16
C TYR D 282 -3.10 18.86 -7.60
N LEU D 283 -2.52 20.06 -7.72
CA LEU D 283 -3.28 21.28 -7.41
C LEU D 283 -3.12 22.18 -8.61
N THR D 284 -4.09 23.07 -8.85
CA THR D 284 -3.93 24.07 -9.90
C THR D 284 -3.78 25.44 -9.20
N ARG D 285 -3.31 26.45 -9.90
CA ARG D 285 -3.24 27.73 -9.26
C ARG D 285 -3.30 28.83 -10.30
N THR D 286 -3.88 29.97 -9.92
CA THR D 286 -3.75 31.15 -10.80
C THR D 286 -3.02 32.20 -9.98
N THR D 287 -2.19 33.01 -10.62
CA THR D 287 -1.41 33.98 -9.92
C THR D 287 -1.92 35.41 -10.15
N VAL D 288 -1.89 36.20 -9.09
CA VAL D 288 -2.33 37.56 -9.20
C VAL D 288 -1.16 38.51 -9.21
N ALA D 289 -1.16 39.37 -10.24
CA ALA D 289 -0.01 40.21 -10.57
C ALA D 289 0.14 41.22 -9.44
N GLY D 290 1.38 41.65 -9.23
CA GLY D 290 1.64 42.74 -8.24
C GLY D 290 2.39 43.91 -8.87
N ASP D 291 2.59 44.98 -8.12
CA ASP D 291 3.48 46.08 -8.52
C ASP D 291 4.83 45.89 -7.89
N LYS D 292 5.79 46.67 -8.35
CA LYS D 292 7.16 46.69 -7.87
C LYS D 292 7.21 46.78 -6.35
N PRO D 293 7.79 45.76 -5.68
CA PRO D 293 7.99 45.86 -4.21
C PRO D 293 8.62 47.20 -3.88
N SER D 294 8.13 47.83 -2.84
CA SER D 294 8.71 49.13 -2.51
C SER D 294 8.77 49.42 -1.04
N ARG D 295 9.73 50.26 -0.69
CA ARG D 295 9.84 50.71 0.68
C ARG D 295 8.59 51.43 1.14
CL1 FTV E . -6.13 -27.25 9.74
C4 FTV E . -6.04 -28.04 8.15
C7 FTV E . -4.86 -27.98 7.44
C9 FTV E . -4.88 -28.62 6.22
CL2 FTV E . -3.32 -28.54 5.34
C8 FTV E . -6.02 -29.24 5.67
C5 FTV E . -7.22 -29.22 6.38
C2 FTV E . -7.20 -28.57 7.63
O1 FTV E . -8.33 -28.49 8.47
C1 FTV E . -9.68 -28.47 7.91
C3 FTV E . -10.47 -27.40 8.68
C6 FTV E . -10.27 -29.88 8.01
O3 FTV E . -11.46 -30.07 8.41
O2 FTV E . -9.55 -30.88 7.68
CO CO F . -10.33 -27.72 3.84
C1 AKG G . -10.92 -25.19 4.75
O1 AKG G . -11.15 -26.42 5.13
O2 AKG G . -11.58 -24.27 5.24
C2 AKG G . -9.85 -24.85 3.81
O5 AKG G . -9.27 -25.81 3.32
C3 AKG G . -9.39 -23.42 3.57
C4 AKG G . -9.77 -22.97 2.19
C5 AKG G . -9.47 -21.50 1.99
O3 AKG G . -9.61 -21.10 0.78
O4 AKG G . -9.07 -20.76 2.98
CL CL H . -32.24 -14.76 11.27
CL1 FTV I . 0.84 -26.65 -31.95
C4 FTV I . 1.38 -26.46 -30.26
C7 FTV I . 1.19 -27.49 -29.40
C9 FTV I . 1.68 -27.32 -28.12
CL2 FTV I . 1.48 -28.71 -27.00
C8 FTV I . 2.22 -26.11 -27.67
C5 FTV I . 2.34 -25.06 -28.58
C2 FTV I . 1.91 -25.26 -29.88
O1 FTV I . 2.00 -24.27 -30.84
C1 FTV I . 2.00 -22.91 -30.42
C3 FTV I . 1.02 -22.16 -31.30
C6 FTV I . 3.43 -22.39 -30.48
O3 FTV I . 4.37 -23.00 -29.89
O2 FTV I . 3.64 -21.32 -31.07
CO CO J . 0.70 -21.57 -26.74
C1 AKG K . -1.73 -21.06 -28.15
O1 AKG K . -2.49 -20.41 -28.93
O2 AKG K . -0.45 -21.03 -28.29
C2 AKG K . -2.24 -21.95 -27.12
O5 AKG K . -1.45 -22.52 -26.38
C3 AKG K . -3.72 -22.29 -27.04
C4 AKG K . -4.29 -21.73 -25.76
C5 AKG K . -5.80 -22.03 -25.74
O3 AKG K . -6.41 -22.58 -26.75
O4 AKG K . -6.36 -21.75 -24.66
CL CL L . 5.55 -5.42 -38.08
CL1 FTV M . 10.07 23.44 32.63
C4 FTV M . 10.67 22.96 31.04
C7 FTV M . 11.14 23.93 30.20
C9 FTV M . 11.64 23.48 29.00
CL2 FTV M . 12.31 24.73 27.93
C8 FTV M . 11.56 22.15 28.57
C5 FTV M . 11.04 21.21 29.45
C2 FTV M . 10.56 21.64 30.69
O1 FTV M . 10.01 20.79 31.63
C1 FTV M . 9.36 19.58 31.18
C3 FTV M . 8.02 19.46 31.91
C6 FTV M . 10.28 18.40 31.37
O3 FTV M . 9.84 17.41 31.97
O2 FTV M . 11.48 18.43 30.94
CO CO N . 8.03 18.99 27.27
C1 AKG O . 5.55 19.82 28.31
O1 AKG O . 6.57 19.13 28.67
O2 AKG O . 4.49 19.76 28.94
C2 AKG O . 5.70 20.79 27.23
O5 AKG O . 6.76 20.80 26.64
C3 AKG O . 4.68 21.90 26.98
C4 AKG O . 4.00 21.68 25.64
C5 AKG O . 2.84 22.66 25.45
O3 AKG O . 2.41 22.68 24.26
O4 AKG O . 2.49 23.49 26.39
CL CL P . -13.58 7.47 37.39
CL1 FTV Q . 10.05 25.94 -9.56
C4 FTV Q . 10.29 26.66 -7.93
C7 FTV Q . 11.20 26.05 -7.09
C9 FTV Q . 11.35 26.62 -5.86
CL2 FTV Q . 12.54 25.84 -4.78
C8 FTV Q . 10.62 27.75 -5.45
C5 FTV Q . 9.68 28.32 -6.30
C2 FTV Q . 9.52 27.73 -7.57
O1 FTV Q . 8.61 28.25 -8.51
C1 FTV Q . 7.40 28.94 -8.10
C3 FTV Q . 6.26 28.44 -9.01
C6 FTV Q . 7.65 30.44 -8.26
O3 FTV Q . 8.71 30.96 -7.78
O2 FTV Q . 6.79 31.16 -8.87
CO CO R . 5.93 28.78 -4.25
C1 AKG S . 4.24 26.87 -5.36
O1 AKG S . 3.23 26.45 -6.00
O2 AKG S . 4.76 28.02 -5.69
C2 AKG S . 4.86 26.04 -4.30
O5 AKG S . 5.77 26.53 -3.67
C3 AKG S . 4.50 24.59 -4.03
C4 AKG S . 3.67 24.52 -2.77
C5 AKG S . 3.22 23.10 -2.55
O3 AKG S . 3.32 22.22 -3.50
O4 AKG S . 2.77 22.84 -1.38
CL CL T . -6.39 40.13 -15.78
#